data_8ZVR
#
_entry.id   8ZVR
#
_cell.length_a   57.924
_cell.length_b   59.732
_cell.length_c   73.280
_cell.angle_alpha   101.58
_cell.angle_beta   98.87
_cell.angle_gamma   116.40
#
_symmetry.space_group_name_H-M   'P 1'
#
loop_
_entity.id
_entity.type
_entity.pdbx_description
1 polymer 'Citrate synthase, mitochondrial'
2 non-polymer 'COENZYME A'
3 non-polymer 'ACETYL GROUP'
4 non-polymer 'OXALOACETATE ION'
5 water water
#
_entity_poly.entity_id   1
_entity_poly.type   'polypeptide(L)'
_entity_poly.pdbx_seq_one_letter_code
;STNLKDILADLIPKEQARIKTFRQQHGKTVVGQITVDMMYGGMRGMKGLVYETSVLDPDEGIRFRGFSIPECQKLLPKAK
GGEEPLPEGLFWLLVTGHIPTEEQVSWLSKEWAKRAALPSHVVTMLDNFPTNLHPMSQLSAAVTALNSESNFARAYAQGI
SRTKYWELIYEDSMDLIAKLPCVAAKIYRNLYREGSGIGAIDSNLDWSHNFTNMLGYTDHQFTELTRLYLTIHSDHEGGN
VSAHTSHLVGSALSDPYLSFAAAMNGLAGPLHGLANQEVLVWLTQLQKEVGKDVSDEKLRDYIWNTLNSGRVVPGYGHAV
LRKTDPRYTCQREFALKHLPNDPMFKLVAQLYKIVPNVLLEQGKAKNPWPNVDAHSGVLLQYYGMTEMNYYTVLFGVSRA
LGVLAQLIWSRALGFPLERPKSMSTEGLMKFVDS
;
_entity_poly.pdbx_strand_id   A,B
#
loop_
_chem_comp.id
_chem_comp.type
_chem_comp.name
_chem_comp.formula
ACE non-polymer 'ACETYL GROUP' 'C2 H4 O'
COA non-polymer 'COENZYME A' 'C21 H36 N7 O16 P3 S'
OAA non-polymer 'OXALOACETATE ION' 'C4 H3 O5 -1'
#
# COMPACT_ATOMS: atom_id res chain seq x y z
N SER A 1 -22.25 19.25 19.56
CA SER A 1 -23.60 19.51 18.98
C SER A 1 -23.60 19.32 17.46
N THR A 2 -22.79 20.15 16.80
CA THR A 2 -22.60 20.02 15.38
C THR A 2 -21.11 19.81 15.06
N ASN A 3 -20.16 20.13 15.97
CA ASN A 3 -18.76 19.96 15.60
C ASN A 3 -18.37 18.51 15.80
N LEU A 4 -18.24 17.82 14.67
CA LEU A 4 -17.96 16.40 14.64
C LEU A 4 -16.72 16.09 15.47
N LYS A 5 -15.77 17.04 15.51
CA LYS A 5 -14.49 16.77 16.18
C LYS A 5 -14.68 16.66 17.69
N ASP A 6 -15.56 17.50 18.24
CA ASP A 6 -15.87 17.51 19.66
C ASP A 6 -16.70 16.28 20.03
N ILE A 7 -17.61 15.86 19.13
CA ILE A 7 -18.44 14.68 19.36
C ILE A 7 -17.53 13.46 19.38
N LEU A 8 -16.54 13.44 18.49
CA LEU A 8 -15.59 12.35 18.41
C LEU A 8 -14.67 12.36 19.63
N ALA A 9 -14.19 13.52 20.06
CA ALA A 9 -13.36 13.61 21.25
C ALA A 9 -14.07 13.01 22.48
N ASP A 10 -15.40 13.12 22.54
CA ASP A 10 -16.12 12.60 23.70
C ASP A 10 -16.32 11.09 23.67
N LEU A 11 -16.41 10.51 22.47
CA LEU A 11 -16.65 9.09 22.26
C LEU A 11 -15.38 8.27 22.47
N ILE A 12 -14.22 8.86 22.19
CA ILE A 12 -13.00 8.09 22.12
C ILE A 12 -12.61 7.46 23.45
N PRO A 13 -12.59 8.21 24.59
CA PRO A 13 -12.28 7.60 25.89
C PRO A 13 -13.11 6.35 26.25
N LYS A 14 -14.41 6.46 25.99
CA LYS A 14 -15.37 5.42 26.30
C LYS A 14 -14.90 4.13 25.67
N GLU A 15 -14.49 4.23 24.40
CA GLU A 15 -14.16 3.08 23.58
C GLU A 15 -12.75 2.56 23.87
N GLN A 16 -11.83 3.47 24.16
CA GLN A 16 -10.53 3.08 24.65
C GLN A 16 -10.64 2.18 25.89
N ALA A 17 -11.46 2.61 26.85
CA ALA A 17 -11.56 1.90 28.11
C ALA A 17 -12.23 0.55 27.87
N ARG A 18 -13.19 0.51 26.94
CA ARG A 18 -13.90 -0.71 26.58
C ARG A 18 -12.96 -1.75 25.98
N ILE A 19 -12.07 -1.33 25.09
CA ILE A 19 -11.10 -2.23 24.51
C ILE A 19 -10.07 -2.64 25.56
N LYS A 20 -9.68 -1.74 26.45
CA LYS A 20 -8.66 -2.05 27.44
C LYS A 20 -9.14 -3.21 28.30
N THR A 21 -10.40 -3.12 28.74
CA THR A 21 -11.01 -4.13 29.60
C THR A 21 -11.06 -5.45 28.83
N PHE A 22 -11.63 -5.41 27.62
CA PHE A 22 -11.78 -6.58 26.77
C PHE A 22 -10.43 -7.31 26.57
N ARG A 23 -9.35 -6.58 26.35
CA ARG A 23 -8.07 -7.21 26.09
C ARG A 23 -7.44 -7.76 27.37
N GLN A 24 -7.63 -7.11 28.51
CA GLN A 24 -7.18 -7.68 29.78
C GLN A 24 -7.84 -9.03 30.01
N GLN A 25 -9.15 -9.13 29.85
CA GLN A 25 -9.86 -10.36 30.15
C GLN A 25 -9.69 -11.40 29.04
N HIS A 26 -9.77 -10.99 27.77
CA HIS A 26 -9.97 -11.94 26.68
C HIS A 26 -8.85 -11.86 25.65
N GLY A 27 -7.78 -11.13 25.98
CA GLY A 27 -6.71 -10.90 25.03
C GLY A 27 -6.07 -12.20 24.54
N LYS A 28 -6.02 -13.20 25.43
CA LYS A 28 -5.41 -14.46 25.07
C LYS A 28 -6.43 -15.45 24.52
N THR A 29 -7.70 -15.08 24.37
CA THR A 29 -8.66 -15.98 23.76
C THR A 29 -8.24 -16.26 22.32
N VAL A 30 -8.30 -17.53 21.92
CA VAL A 30 -7.95 -17.93 20.58
C VAL A 30 -9.21 -17.87 19.72
N VAL A 31 -9.16 -17.10 18.62
CA VAL A 31 -10.34 -16.90 17.78
C VAL A 31 -10.22 -17.64 16.45
N GLY A 32 -9.06 -18.21 16.14
CA GLY A 32 -8.92 -19.00 14.93
C GLY A 32 -7.54 -19.66 14.86
N GLN A 33 -7.33 -20.48 13.82
CA GLN A 33 -6.06 -21.15 13.62
C GLN A 33 -5.47 -20.67 12.29
N ILE A 34 -4.13 -20.65 12.20
CA ILE A 34 -3.47 -20.46 10.90
C ILE A 34 -3.01 -21.81 10.37
N THR A 35 -3.34 -22.13 9.11
CA THR A 35 -2.83 -23.32 8.43
C THR A 35 -1.81 -22.92 7.36
N VAL A 36 -1.08 -23.92 6.85
CA VAL A 36 -0.13 -23.69 5.77
C VAL A 36 -0.87 -23.13 4.55
N ASP A 37 -2.01 -23.75 4.25
CA ASP A 37 -2.83 -23.30 3.13
C ASP A 37 -3.20 -21.83 3.23
N MET A 38 -3.49 -21.34 4.45
CA MET A 38 -3.89 -19.95 4.62
C MET A 38 -2.75 -19.01 4.26
N MET A 39 -1.53 -19.40 4.67
CA MET A 39 -0.34 -18.63 4.39
C MET A 39 -0.09 -18.57 2.88
N TYR A 40 -0.30 -19.69 2.18
CA TYR A 40 -0.08 -19.70 0.74
C TYR A 40 -1.24 -18.98 0.06
N GLY A 41 -2.41 -19.01 0.70
CA GLY A 41 -3.68 -18.62 0.11
C GLY A 41 -4.09 -17.20 0.48
N GLY A 42 -3.12 -16.31 0.66
CA GLY A 42 -3.44 -14.89 0.89
C GLY A 42 -4.23 -14.64 2.16
N MET A 43 -4.04 -15.44 3.22
CA MET A 43 -4.69 -15.20 4.51
C MET A 43 -6.20 -15.46 4.47
N ARG A 44 -6.67 -16.20 3.45
CA ARG A 44 -8.08 -16.43 3.24
C ARG A 44 -8.66 -17.12 4.47
N GLY A 45 -9.77 -16.58 5.00
CA GLY A 45 -10.42 -17.10 6.19
C GLY A 45 -9.64 -16.84 7.49
N MET A 46 -8.67 -15.92 7.46
CA MET A 46 -7.85 -15.67 8.63
C MET A 46 -8.33 -14.37 9.25
N LYS A 47 -8.67 -14.43 10.56
CA LYS A 47 -9.06 -13.28 11.34
C LYS A 47 -7.83 -12.45 11.69
N GLY A 48 -7.60 -11.38 10.96
CA GLY A 48 -6.27 -10.76 10.95
C GLY A 48 -6.23 -9.35 11.54
N LEU A 49 -7.35 -8.64 11.55
CA LEU A 49 -7.29 -7.27 12.01
C LEU A 49 -8.64 -6.81 12.56
N VAL A 50 -8.57 -5.79 13.41
CA VAL A 50 -9.74 -5.12 13.91
C VAL A 50 -10.00 -3.89 13.05
N TYR A 51 -11.27 -3.74 12.67
CA TYR A 51 -11.73 -2.71 11.77
C TYR A 51 -13.14 -2.41 12.19
N GLU A 52 -13.34 -1.19 12.70
CA GLU A 52 -14.49 -0.84 13.50
C GLU A 52 -15.65 -0.31 12.66
N THR A 53 -15.36 0.26 11.48
CA THR A 53 -16.36 1.06 10.78
C THR A 53 -17.43 0.21 10.08
N SER A 54 -17.08 -1.00 9.66
CA SER A 54 -18.01 -1.83 8.94
C SER A 54 -17.67 -3.31 9.10
N VAL A 55 -18.72 -4.13 9.03
CA VAL A 55 -18.56 -5.57 9.17
C VAL A 55 -19.45 -6.25 8.13
N LEU A 56 -18.86 -7.23 7.46
CA LEU A 56 -19.49 -7.87 6.33
C LEU A 56 -19.86 -9.27 6.75
N ASP A 57 -21.10 -9.46 7.18
CA ASP A 57 -21.60 -10.82 7.33
C ASP A 57 -21.74 -11.40 5.92
N PRO A 58 -21.24 -12.65 5.66
CA PRO A 58 -21.54 -13.37 4.41
C PRO A 58 -23.03 -13.45 4.07
N ASP A 59 -23.88 -13.41 5.12
CA ASP A 59 -25.30 -13.69 5.02
C ASP A 59 -26.11 -12.48 4.52
N GLU A 60 -26.12 -11.37 5.28
CA GLU A 60 -27.03 -10.26 5.01
C GLU A 60 -26.31 -9.06 4.35
N GLY A 61 -24.99 -9.17 4.21
CA GLY A 61 -24.22 -8.17 3.47
C GLY A 61 -23.55 -7.18 4.42
N ILE A 62 -23.10 -6.06 3.85
CA ILE A 62 -22.30 -5.12 4.62
C ILE A 62 -23.19 -4.43 5.64
N ARG A 63 -22.68 -4.24 6.86
CA ARG A 63 -23.32 -3.35 7.82
C ARG A 63 -22.37 -2.21 8.17
N PHE A 64 -22.89 -0.99 8.15
CA PHE A 64 -22.14 0.19 8.51
C PHE A 64 -22.49 0.54 9.96
N ARG A 65 -21.57 0.27 10.89
CA ARG A 65 -21.77 0.49 12.31
C ARG A 65 -23.12 -0.09 12.72
N GLY A 66 -23.34 -1.35 12.34
CA GLY A 66 -24.53 -2.07 12.74
C GLY A 66 -25.76 -1.80 11.86
N PHE A 67 -25.69 -0.90 10.88
CA PHE A 67 -26.85 -0.65 10.03
C PHE A 67 -26.68 -1.23 8.62
N SER A 68 -27.72 -1.90 8.08
CA SER A 68 -27.63 -2.40 6.72
C SER A 68 -27.83 -1.24 5.74
N ILE A 69 -27.55 -1.47 4.45
CA ILE A 69 -27.71 -0.45 3.45
C ILE A 69 -29.19 -0.06 3.34
N PRO A 70 -30.17 -1.01 3.30
CA PRO A 70 -31.59 -0.62 3.37
C PRO A 70 -31.94 0.20 4.63
N GLU A 71 -31.42 -0.17 5.80
CA GLU A 71 -31.66 0.64 6.98
C GLU A 71 -31.07 2.04 6.77
N CYS A 72 -29.91 2.16 6.09
CA CYS A 72 -29.26 3.47 5.86
C CYS A 72 -30.01 4.31 4.82
N GLN A 73 -30.48 3.67 3.75
CA GLN A 73 -31.24 4.36 2.72
C GLN A 73 -32.43 5.10 3.34
N LYS A 74 -33.09 4.44 4.28
CA LYS A 74 -34.14 5.05 5.08
C LYS A 74 -33.66 6.13 6.04
N LEU A 75 -32.73 5.78 6.93
CA LEU A 75 -32.42 6.64 8.08
C LEU A 75 -31.56 7.85 7.72
N LEU A 76 -30.70 7.75 6.70
CA LEU A 76 -29.75 8.80 6.42
C LEU A 76 -30.41 9.99 5.71
N PRO A 77 -30.09 11.24 6.12
CA PRO A 77 -30.52 12.43 5.40
C PRO A 77 -30.30 12.41 3.90
N LYS A 78 -31.23 13.08 3.20
CA LYS A 78 -31.24 13.23 1.76
C LYS A 78 -31.06 14.70 1.47
N ALA A 79 -30.73 15.06 0.23
CA ALA A 79 -30.82 16.46 -0.17
C ALA A 79 -32.29 16.88 -0.31
N LYS A 80 -32.54 18.19 -0.22
CA LYS A 80 -33.88 18.72 -0.47
C LYS A 80 -34.28 18.38 -1.90
N GLY A 81 -35.47 17.78 -2.05
CA GLY A 81 -35.99 17.31 -3.32
C GLY A 81 -35.34 15.99 -3.75
N GLY A 82 -35.02 15.14 -2.76
CA GLY A 82 -34.06 14.07 -2.94
C GLY A 82 -34.53 12.77 -2.29
N GLU A 83 -34.06 11.64 -2.84
CA GLU A 83 -34.46 10.33 -2.37
C GLU A 83 -33.27 9.53 -1.83
N GLU A 84 -32.04 9.81 -2.30
CA GLU A 84 -30.88 8.97 -2.01
C GLU A 84 -30.09 9.47 -0.80
N PRO A 85 -29.50 8.56 0.01
CA PRO A 85 -28.69 8.93 1.19
C PRO A 85 -27.49 9.78 0.79
N LEU A 86 -27.15 10.82 1.56
CA LEU A 86 -26.00 11.66 1.22
C LEU A 86 -24.76 11.01 1.82
N PRO A 87 -23.64 10.88 1.09
CA PRO A 87 -22.45 10.30 1.66
C PRO A 87 -21.94 10.94 2.95
N GLU A 88 -22.15 12.26 3.10
CA GLU A 88 -21.87 12.97 4.32
C GLU A 88 -22.45 12.23 5.51
N GLY A 89 -23.72 11.81 5.40
CA GLY A 89 -24.33 11.13 6.53
C GLY A 89 -23.71 9.79 6.80
N LEU A 90 -23.36 9.10 5.72
CA LEU A 90 -22.64 7.85 5.80
C LEU A 90 -21.37 8.06 6.61
N PHE A 91 -20.61 9.10 6.27
CA PHE A 91 -19.34 9.34 6.93
C PHE A 91 -19.53 9.64 8.42
N TRP A 92 -20.58 10.44 8.75
CA TRP A 92 -20.88 10.77 10.12
C TRP A 92 -21.17 9.48 10.88
N LEU A 93 -21.98 8.59 10.29
CA LEU A 93 -22.28 7.31 10.93
C LEU A 93 -21.00 6.52 11.20
N LEU A 94 -20.13 6.43 10.21
CA LEU A 94 -18.96 5.58 10.35
C LEU A 94 -18.06 6.14 11.46
N VAL A 95 -17.95 7.47 11.53
CA VAL A 95 -17.09 8.13 12.50
C VAL A 95 -17.66 8.01 13.92
N THR A 96 -18.98 8.13 14.05
CA THR A 96 -19.56 8.36 15.37
C THR A 96 -20.30 7.12 15.81
N GLY A 97 -20.76 6.33 14.85
CA GLY A 97 -21.59 5.18 15.15
C GLY A 97 -23.04 5.59 15.34
N HIS A 98 -23.33 6.86 15.09
CA HIS A 98 -24.67 7.41 15.28
C HIS A 98 -25.18 7.89 13.93
N ILE A 99 -26.49 7.71 13.71
CA ILE A 99 -27.17 8.32 12.58
C ILE A 99 -27.17 9.82 12.81
N PRO A 100 -26.71 10.64 11.85
CA PRO A 100 -26.69 12.10 12.00
C PRO A 100 -28.07 12.72 11.80
N THR A 101 -28.31 13.90 12.41
CA THR A 101 -29.44 14.75 12.10
C THR A 101 -29.22 15.44 10.76
N GLU A 102 -30.31 16.01 10.23
CA GLU A 102 -30.28 16.90 9.08
C GLU A 102 -29.21 17.98 9.27
N GLU A 103 -29.15 18.55 10.47
CA GLU A 103 -28.29 19.68 10.75
C GLU A 103 -26.80 19.28 10.70
N GLN A 104 -26.48 18.10 11.20
CA GLN A 104 -25.11 17.65 11.20
C GLN A 104 -24.63 17.37 9.79
N VAL A 105 -25.52 16.84 8.96
CA VAL A 105 -25.20 16.59 7.57
C VAL A 105 -24.95 17.90 6.87
N SER A 106 -25.84 18.89 7.10
CA SER A 106 -25.72 20.24 6.56
CA SER A 106 -25.72 20.25 6.57
C SER A 106 -24.39 20.87 6.99
N TRP A 107 -24.03 20.73 8.26
CA TRP A 107 -22.75 21.23 8.75
C TRP A 107 -21.57 20.51 8.09
N LEU A 108 -21.63 19.20 7.91
CA LEU A 108 -20.53 18.51 7.27
C LEU A 108 -20.42 18.86 5.79
N SER A 109 -21.53 19.18 5.13
CA SER A 109 -21.46 19.56 3.73
C SER A 109 -20.71 20.88 3.57
N LYS A 110 -20.97 21.83 4.49
CA LYS A 110 -20.33 23.13 4.47
C LYS A 110 -18.84 23.02 4.85
N GLU A 111 -18.54 22.12 5.78
CA GLU A 111 -17.13 21.87 6.15
C GLU A 111 -16.31 21.37 4.95
N TRP A 112 -16.89 20.47 4.16
CA TRP A 112 -16.19 19.91 3.02
C TRP A 112 -16.13 20.93 1.87
N ALA A 113 -17.15 21.75 1.68
CA ALA A 113 -17.05 22.85 0.72
C ALA A 113 -15.90 23.80 1.06
N LYS A 114 -15.74 24.13 2.34
CA LYS A 114 -14.76 25.12 2.75
C LYS A 114 -13.32 24.61 2.59
N ARG A 115 -13.10 23.28 2.60
CA ARG A 115 -11.75 22.71 2.63
C ARG A 115 -11.28 22.21 1.26
N ALA A 116 -11.99 22.56 0.19
CA ALA A 116 -11.87 21.93 -1.11
C ALA A 116 -10.78 22.47 -2.04
N ALA A 117 -10.04 23.50 -1.63
CA ALA A 117 -9.06 24.14 -2.51
C ALA A 117 -7.87 23.21 -2.75
N LEU A 118 -7.36 23.17 -3.98
CA LEU A 118 -6.14 22.46 -4.30
C LEU A 118 -4.94 23.42 -4.37
N PRO A 119 -3.72 23.02 -3.94
CA PRO A 119 -2.54 23.87 -4.11
C PRO A 119 -2.08 23.92 -5.58
N SER A 120 -1.45 25.02 -6.01
CA SER A 120 -1.17 25.21 -7.43
C SER A 120 -0.35 24.03 -8.00
N HIS A 121 0.55 23.42 -7.22
CA HIS A 121 1.39 22.37 -7.79
C HIS A 121 0.55 21.16 -8.16
N VAL A 122 -0.58 20.93 -7.45
CA VAL A 122 -1.40 19.76 -7.75
C VAL A 122 -2.26 19.98 -9.00
N VAL A 123 -2.85 21.15 -9.13
CA VAL A 123 -3.46 21.59 -10.35
C VAL A 123 -2.52 21.42 -11.56
N THR A 124 -1.33 22.02 -11.51
CA THR A 124 -0.36 21.96 -12.58
C THR A 124 -0.05 20.52 -12.99
N MET A 125 0.19 19.68 -12.00
CA MET A 125 0.55 18.28 -12.20
C MET A 125 -0.55 17.57 -12.98
N LEU A 126 -1.80 17.78 -12.56
CA LEU A 126 -2.91 17.12 -13.22
C LEU A 126 -2.99 17.62 -14.66
N ASP A 127 -2.93 18.95 -14.86
CA ASP A 127 -3.04 19.52 -16.19
C ASP A 127 -1.91 19.12 -17.13
N ASN A 128 -0.76 18.66 -16.61
CA ASN A 128 0.32 18.25 -17.48
C ASN A 128 0.31 16.73 -17.71
N PHE A 129 -0.47 15.97 -16.94
CA PHE A 129 -0.51 14.55 -17.14
C PHE A 129 -0.94 14.21 -18.57
N PRO A 130 -0.23 13.28 -19.25
CA PRO A 130 -0.59 12.84 -20.60
C PRO A 130 -1.85 12.01 -20.61
N THR A 131 -2.45 11.82 -21.81
CA THR A 131 -3.74 11.16 -21.89
C THR A 131 -3.59 9.64 -21.84
N ASN A 132 -2.36 9.11 -21.92
CA ASN A 132 -2.15 7.68 -21.78
C ASN A 132 -1.82 7.30 -20.32
N LEU A 133 -1.86 8.27 -19.38
CA LEU A 133 -1.71 7.90 -17.97
C LEU A 133 -3.11 7.66 -17.42
N HIS A 134 -3.36 6.41 -17.07
CA HIS A 134 -4.61 5.94 -16.53
C HIS A 134 -5.10 6.86 -15.41
N PRO A 135 -6.43 7.11 -15.36
CA PRO A 135 -7.05 7.94 -14.33
C PRO A 135 -6.74 7.56 -12.88
N MET A 136 -6.67 6.26 -12.55
CA MET A 136 -6.31 5.83 -11.20
C MET A 136 -4.86 6.19 -10.83
N SER A 137 -3.97 6.21 -11.83
CA SER A 137 -2.58 6.59 -11.66
C SER A 137 -2.47 8.09 -11.40
N GLN A 138 -3.20 8.89 -12.19
CA GLN A 138 -3.35 10.31 -11.91
C GLN A 138 -3.89 10.53 -10.49
N LEU A 139 -4.91 9.77 -10.10
CA LEU A 139 -5.56 9.98 -8.81
C LEU A 139 -4.56 9.73 -7.68
N SER A 140 -3.82 8.63 -7.76
CA SER A 140 -2.89 8.22 -6.72
C SER A 140 -1.75 9.22 -6.64
N ALA A 141 -1.19 9.58 -7.78
CA ALA A 141 -0.08 10.51 -7.85
C ALA A 141 -0.47 11.89 -7.31
N ALA A 142 -1.67 12.38 -7.68
CA ALA A 142 -2.16 13.67 -7.21
C ALA A 142 -2.37 13.64 -5.71
N VAL A 143 -2.89 12.52 -5.18
CA VAL A 143 -3.12 12.44 -3.74
C VAL A 143 -1.79 12.36 -2.99
N THR A 144 -0.81 11.59 -3.49
CA THR A 144 0.53 11.62 -2.93
C THR A 144 1.07 13.05 -2.89
N ALA A 145 0.93 13.81 -3.98
CA ALA A 145 1.46 15.17 -4.04
C ALA A 145 0.79 16.17 -3.09
N LEU A 146 -0.45 15.88 -2.72
CA LEU A 146 -1.19 16.70 -1.76
C LEU A 146 -0.59 16.56 -0.37
N ASN A 147 0.29 15.59 -0.14
CA ASN A 147 0.70 15.34 1.24
C ASN A 147 1.61 16.48 1.71
N SER A 148 1.92 17.40 0.78
CA SER A 148 2.54 18.66 1.13
C SER A 148 1.62 19.46 2.04
N GLU A 149 0.30 19.21 1.97
CA GLU A 149 -0.64 19.89 2.84
C GLU A 149 -0.79 19.19 4.20
N SER A 150 -0.07 18.09 4.45
CA SER A 150 -0.36 17.24 5.61
C SER A 150 -0.06 17.96 6.92
N ASN A 151 -1.10 18.24 7.70
CA ASN A 151 -0.96 18.71 9.07
C ASN A 151 -0.34 17.65 9.97
N PHE A 152 -0.70 16.39 9.75
CA PHE A 152 -0.25 15.31 10.59
C PHE A 152 1.25 15.11 10.41
N ALA A 153 1.72 15.14 9.17
CA ALA A 153 3.14 14.95 8.91
C ALA A 153 3.98 16.01 9.64
N ARG A 154 3.51 17.27 9.66
CA ARG A 154 4.27 18.36 10.26
C ARG A 154 4.17 18.27 11.79
N ALA A 155 3.00 17.95 12.31
CA ALA A 155 2.87 17.74 13.75
C ALA A 155 3.81 16.65 14.24
N TYR A 156 3.98 15.58 13.45
CA TYR A 156 4.67 14.43 14.00
C TYR A 156 6.15 14.74 14.15
N ALA A 157 6.70 15.40 13.13
CA ALA A 157 8.09 15.86 13.17
C ALA A 157 8.38 16.77 14.38
N GLN A 158 7.40 17.56 14.84
CA GLN A 158 7.63 18.43 15.99
C GLN A 158 7.27 17.77 17.34
N GLY A 159 6.91 16.49 17.35
CA GLY A 159 6.93 15.71 18.58
C GLY A 159 5.61 15.75 19.34
N ILE A 160 4.49 15.77 18.62
CA ILE A 160 3.19 15.80 19.25
C ILE A 160 2.93 14.52 20.06
N SER A 161 2.16 14.67 21.16
CA SER A 161 1.74 13.55 21.99
C SER A 161 0.94 12.54 21.19
N ARG A 162 1.22 11.24 21.37
CA ARG A 162 0.44 10.15 20.82
C ARG A 162 -1.08 10.31 21.07
N THR A 163 -1.45 10.97 22.18
CA THR A 163 -2.84 11.15 22.54
C THR A 163 -3.51 12.10 21.56
N LYS A 164 -2.74 12.82 20.76
CA LYS A 164 -3.32 13.77 19.82
C LYS A 164 -3.24 13.30 18.37
N TYR A 165 -2.75 12.10 18.10
CA TYR A 165 -2.58 11.72 16.71
C TYR A 165 -3.90 11.86 15.98
N TRP A 166 -4.98 11.36 16.58
CA TRP A 166 -6.27 11.26 15.93
C TRP A 166 -6.74 12.63 15.42
N GLU A 167 -6.45 13.72 16.16
CA GLU A 167 -6.92 15.05 15.79
C GLU A 167 -6.29 15.49 14.48
N LEU A 168 -5.02 15.21 14.26
CA LEU A 168 -4.41 15.67 13.02
C LEU A 168 -4.82 14.75 11.86
N ILE A 169 -4.92 13.46 12.11
CA ILE A 169 -5.48 12.52 11.14
C ILE A 169 -6.88 12.96 10.68
N TYR A 170 -7.75 13.32 11.65
CA TYR A 170 -9.10 13.81 11.39
C TYR A 170 -9.02 15.02 10.46
N GLU A 171 -8.18 16.01 10.78
CA GLU A 171 -8.13 17.23 9.98
C GLU A 171 -7.69 16.92 8.55
N ASP A 172 -6.58 16.21 8.44
CA ASP A 172 -6.06 15.79 7.14
C ASP A 172 -7.10 14.97 6.39
N SER A 173 -7.85 14.11 7.09
CA SER A 173 -8.87 13.32 6.40
C SER A 173 -10.00 14.21 5.89
N MET A 174 -10.40 15.20 6.70
CA MET A 174 -11.46 16.09 6.28
C MET A 174 -11.00 16.92 5.07
N ASP A 175 -9.73 17.32 5.03
CA ASP A 175 -9.19 18.07 3.92
C ASP A 175 -9.15 17.20 2.67
N LEU A 176 -8.65 15.95 2.80
CA LEU A 176 -8.58 15.07 1.63
C LEU A 176 -9.98 14.79 1.04
N ILE A 177 -10.91 14.32 1.87
CA ILE A 177 -12.27 14.08 1.38
C ILE A 177 -12.81 15.30 0.62
N ALA A 178 -12.70 16.49 1.21
CA ALA A 178 -13.15 17.71 0.54
C ALA A 178 -12.50 17.93 -0.82
N LYS A 179 -11.21 17.55 -0.98
CA LYS A 179 -10.43 17.84 -2.18
C LYS A 179 -10.61 16.78 -3.26
N LEU A 180 -10.93 15.56 -2.85
CA LEU A 180 -11.01 14.46 -3.79
C LEU A 180 -11.90 14.75 -5.00
N PRO A 181 -13.16 15.24 -4.87
CA PRO A 181 -13.97 15.54 -6.03
C PRO A 181 -13.33 16.53 -7.01
N CYS A 182 -12.57 17.49 -6.47
CA CYS A 182 -11.84 18.44 -7.27
C CYS A 182 -10.76 17.71 -8.06
N VAL A 183 -9.95 16.87 -7.38
CA VAL A 183 -8.97 16.07 -8.08
C VAL A 183 -9.65 15.22 -9.17
N ALA A 184 -10.69 14.50 -8.77
CA ALA A 184 -11.35 13.52 -9.61
C ALA A 184 -11.96 14.21 -10.83
N ALA A 185 -12.60 15.37 -10.65
CA ALA A 185 -13.23 16.06 -11.76
C ALA A 185 -12.20 16.71 -12.67
N LYS A 186 -11.02 17.09 -12.16
CA LYS A 186 -9.95 17.61 -13.01
C LYS A 186 -9.43 16.51 -13.96
N ILE A 187 -9.30 15.29 -13.40
CA ILE A 187 -8.87 14.15 -14.18
C ILE A 187 -9.91 13.93 -15.27
N TYR A 188 -11.19 13.87 -14.86
CA TYR A 188 -12.27 13.55 -15.80
C TYR A 188 -12.22 14.51 -16.98
N ARG A 189 -12.11 15.80 -16.67
CA ARG A 189 -12.19 16.85 -17.67
C ARG A 189 -10.92 16.90 -18.53
N ASN A 190 -9.75 16.69 -17.93
CA ASN A 190 -8.49 16.75 -18.67
C ASN A 190 -8.44 15.60 -19.67
N LEU A 191 -8.96 14.43 -19.29
CA LEU A 191 -8.93 13.27 -20.17
C LEU A 191 -10.08 13.29 -21.19
N TYR A 192 -11.30 13.68 -20.78
CA TYR A 192 -12.49 13.31 -21.52
C TYR A 192 -13.27 14.53 -21.99
N ARG A 193 -12.78 15.74 -21.70
CA ARG A 193 -13.45 16.97 -22.09
C ARG A 193 -12.41 18.01 -22.53
N GLU A 194 -11.31 17.52 -23.12
CA GLU A 194 -10.18 18.33 -23.57
C GLU A 194 -9.80 19.48 -22.62
N GLY A 195 -9.72 19.19 -21.30
CA GLY A 195 -9.08 20.14 -20.40
C GLY A 195 -9.92 21.35 -20.05
N SER A 196 -11.22 21.30 -20.32
CA SER A 196 -12.10 22.36 -19.87
C SER A 196 -12.08 22.43 -18.34
N GLY A 197 -12.40 23.61 -17.79
CA GLY A 197 -12.25 23.92 -16.39
C GLY A 197 -13.39 23.36 -15.54
N ILE A 198 -13.11 23.12 -14.26
CA ILE A 198 -14.04 22.39 -13.41
C ILE A 198 -15.07 23.33 -12.77
N GLY A 199 -14.86 24.64 -12.91
CA GLY A 199 -15.73 25.62 -12.30
C GLY A 199 -15.50 25.70 -10.80
N ALA A 200 -16.48 26.26 -10.10
CA ALA A 200 -16.28 26.63 -8.71
C ALA A 200 -17.05 25.65 -7.85
N ILE A 201 -16.68 25.63 -6.57
CA ILE A 201 -17.43 24.95 -5.54
C ILE A 201 -18.51 25.90 -5.07
N ASP A 202 -19.72 25.36 -4.87
CA ASP A 202 -20.82 26.11 -4.30
C ASP A 202 -20.90 25.73 -2.82
N SER A 203 -20.78 26.74 -1.95
CA SER A 203 -20.57 26.50 -0.53
C SER A 203 -21.85 25.96 0.12
N ASN A 204 -22.98 26.04 -0.59
CA ASN A 204 -24.24 25.60 -0.05
C ASN A 204 -24.70 24.28 -0.68
N LEU A 205 -23.91 23.67 -1.58
CA LEU A 205 -24.32 22.35 -2.10
C LEU A 205 -23.73 21.21 -1.27
N ASP A 206 -24.32 20.02 -1.40
CA ASP A 206 -23.68 18.85 -0.82
C ASP A 206 -22.47 18.42 -1.66
N TRP A 207 -21.66 17.52 -1.11
CA TRP A 207 -20.43 17.07 -1.73
C TRP A 207 -20.66 16.41 -3.11
N SER A 208 -21.65 15.51 -3.18
CA SER A 208 -21.98 14.79 -4.42
C SER A 208 -22.43 15.73 -5.53
N HIS A 209 -23.11 16.82 -5.19
CA HIS A 209 -23.60 17.74 -6.22
C HIS A 209 -22.50 18.67 -6.71
N ASN A 210 -21.66 19.16 -5.79
CA ASN A 210 -20.47 19.90 -6.21
C ASN A 210 -19.68 19.07 -7.21
N PHE A 211 -19.60 17.76 -6.92
CA PHE A 211 -18.79 16.83 -7.72
C PHE A 211 -19.38 16.69 -9.13
N THR A 212 -20.68 16.44 -9.22
CA THR A 212 -21.31 16.25 -10.51
C THR A 212 -21.28 17.58 -11.28
N ASN A 213 -21.43 18.72 -10.61
CA ASN A 213 -21.21 20.01 -11.27
C ASN A 213 -19.82 20.10 -11.91
N MET A 214 -18.78 19.80 -11.10
CA MET A 214 -17.40 19.90 -11.56
C MET A 214 -17.13 18.92 -12.69
N LEU A 215 -17.85 17.78 -12.72
CA LEU A 215 -17.67 16.79 -13.76
C LEU A 215 -18.30 17.27 -15.06
N GLY A 216 -19.31 18.13 -14.98
CA GLY A 216 -19.99 18.61 -16.19
C GLY A 216 -21.36 17.96 -16.40
N TYR A 217 -21.83 17.19 -15.43
CA TYR A 217 -23.18 16.64 -15.45
C TYR A 217 -24.09 17.60 -14.68
N THR A 218 -25.29 17.86 -15.20
CA THR A 218 -26.26 18.64 -14.47
C THR A 218 -27.62 17.96 -14.56
N ASP A 219 -27.61 16.63 -14.65
CA ASP A 219 -28.83 15.85 -14.61
C ASP A 219 -29.07 15.48 -13.14
N HIS A 220 -30.20 15.94 -12.57
CA HIS A 220 -30.52 15.67 -11.17
C HIS A 220 -30.48 14.18 -10.85
N GLN A 221 -30.81 13.32 -11.82
CA GLN A 221 -30.89 11.88 -11.59
C GLN A 221 -29.49 11.31 -11.44
N PHE A 222 -28.55 11.88 -12.18
CA PHE A 222 -27.18 11.44 -12.14
C PHE A 222 -26.55 11.88 -10.82
N THR A 223 -26.96 13.03 -10.30
CA THR A 223 -26.54 13.45 -8.98
C THR A 223 -27.09 12.47 -7.94
N GLU A 224 -28.34 12.05 -8.06
CA GLU A 224 -28.95 11.15 -7.10
C GLU A 224 -28.27 9.78 -7.15
N LEU A 225 -27.89 9.34 -8.35
CA LEU A 225 -27.10 8.13 -8.55
C LEU A 225 -25.75 8.28 -7.82
N THR A 226 -25.08 9.42 -7.98
CA THR A 226 -23.76 9.65 -7.41
C THR A 226 -23.84 9.58 -5.88
N ARG A 227 -24.88 10.20 -5.32
CA ARG A 227 -25.08 10.17 -3.88
C ARG A 227 -25.22 8.72 -3.40
N LEU A 228 -26.02 7.94 -4.11
CA LEU A 228 -26.22 6.53 -3.78
C LEU A 228 -24.93 5.76 -3.98
N TYR A 229 -24.23 5.98 -5.11
CA TYR A 229 -23.02 5.24 -5.43
C TYR A 229 -21.92 5.52 -4.39
N LEU A 230 -21.70 6.80 -4.06
CA LEU A 230 -20.69 7.17 -3.10
C LEU A 230 -21.02 6.64 -1.71
N THR A 231 -22.30 6.52 -1.40
CA THR A 231 -22.66 5.99 -0.11
C THR A 231 -22.33 4.49 -0.03
N ILE A 232 -22.61 3.73 -1.07
CA ILE A 232 -22.63 2.27 -0.93
C ILE A 232 -21.25 1.63 -1.16
N HIS A 233 -20.35 2.34 -1.85
CA HIS A 233 -19.00 1.83 -2.08
C HIS A 233 -18.06 2.26 -0.95
N SER A 234 -18.61 2.94 0.06
CA SER A 234 -17.83 3.67 1.05
C SER A 234 -16.90 2.80 1.86
N ASP A 235 -17.35 1.58 2.22
CA ASP A 235 -16.58 0.73 3.11
C ASP A 235 -17.04 -0.70 2.92
N HIS A 236 -16.11 -1.65 2.99
CA HIS A 236 -16.48 -3.05 2.88
C HIS A 236 -15.61 -3.91 3.78
N GLU A 237 -15.54 -3.57 5.07
CA GLU A 237 -14.66 -4.24 6.02
C GLU A 237 -13.19 -3.83 5.84
N GLY A 238 -12.31 -4.42 6.67
CA GLY A 238 -10.91 -4.04 6.64
C GLY A 238 -10.06 -4.96 5.77
N GLY A 239 -10.62 -6.08 5.34
CA GLY A 239 -9.86 -7.12 4.66
C GLY A 239 -9.73 -6.96 3.14
N ASN A 240 -10.53 -6.09 2.52
CA ASN A 240 -10.36 -5.82 1.10
C ASN A 240 -9.06 -5.06 0.92
N VAL A 241 -8.47 -5.15 -0.27
CA VAL A 241 -7.10 -4.70 -0.47
C VAL A 241 -7.01 -3.19 -0.26
N SER A 242 -8.01 -2.43 -0.70
CA SER A 242 -7.97 -0.97 -0.51
C SER A 242 -7.99 -0.57 0.96
N ALA A 243 -8.87 -1.18 1.76
CA ALA A 243 -8.95 -0.80 3.16
C ALA A 243 -7.72 -1.31 3.89
N HIS A 244 -7.38 -2.55 3.63
CA HIS A 244 -6.20 -3.12 4.23
C HIS A 244 -4.93 -2.32 3.91
N THR A 245 -4.69 -1.94 2.65
CA THR A 245 -3.53 -1.16 2.30
C THR A 245 -3.50 0.12 3.12
N SER A 246 -4.64 0.78 3.25
CA SER A 246 -4.74 2.03 4.00
C SER A 246 -4.44 1.78 5.46
N HIS A 247 -4.89 0.64 6.00
CA HIS A 247 -4.70 0.32 7.40
C HIS A 247 -3.21 0.05 7.64
N LEU A 248 -2.62 -0.71 6.71
CA LEU A 248 -1.23 -1.11 6.81
C LEU A 248 -0.29 0.09 6.72
N VAL A 249 -0.44 0.93 5.69
CA VAL A 249 0.38 2.11 5.52
C VAL A 249 0.10 3.10 6.63
N GLY A 250 -1.17 3.23 7.05
CA GLY A 250 -1.45 4.10 8.18
C GLY A 250 -0.74 3.73 9.49
N SER A 251 -0.58 2.43 9.73
CA SER A 251 -0.09 1.90 10.99
C SER A 251 1.41 2.25 11.16
N ALA A 252 2.08 2.65 10.08
CA ALA A 252 3.43 3.21 10.16
C ALA A 252 3.41 4.72 10.36
N LEU A 253 2.21 5.28 10.55
CA LEU A 253 2.00 6.68 10.84
C LEU A 253 2.26 7.55 9.61
N SER A 254 2.08 6.91 8.45
CA SER A 254 1.99 7.65 7.21
C SER A 254 0.69 8.45 7.26
N ASP A 255 0.73 9.68 6.76
CA ASP A 255 -0.41 10.57 6.86
C ASP A 255 -1.54 10.05 5.98
N PRO A 256 -2.76 10.60 6.11
CA PRO A 256 -3.89 10.13 5.31
C PRO A 256 -3.71 10.22 3.81
N TYR A 257 -3.00 11.25 3.35
CA TYR A 257 -2.76 11.34 1.91
C TYR A 257 -1.94 10.13 1.43
N LEU A 258 -0.82 9.80 2.09
CA LEU A 258 -0.02 8.67 1.69
C LEU A 258 -0.75 7.32 1.85
N SER A 259 -1.56 7.19 2.91
CA SER A 259 -2.28 5.96 3.18
C SER A 259 -3.34 5.77 2.11
N PHE A 260 -3.98 6.85 1.71
CA PHE A 260 -5.06 6.79 0.75
C PHE A 260 -4.49 6.55 -0.65
N ALA A 261 -3.39 7.22 -1.00
CA ALA A 261 -2.82 6.98 -2.32
C ALA A 261 -2.33 5.56 -2.47
N ALA A 262 -1.85 4.99 -1.38
CA ALA A 262 -1.44 3.59 -1.38
C ALA A 262 -2.65 2.72 -1.63
N ALA A 263 -3.76 3.02 -0.95
CA ALA A 263 -4.98 2.23 -1.10
C ALA A 263 -5.48 2.25 -2.54
N MET A 264 -5.40 3.41 -3.21
CA MET A 264 -5.83 3.53 -4.61
C MET A 264 -4.97 2.71 -5.57
N ASN A 265 -3.68 2.58 -5.23
CA ASN A 265 -2.82 1.71 -6.00
C ASN A 265 -3.28 0.28 -5.86
N GLY A 266 -3.75 -0.11 -4.66
CA GLY A 266 -4.37 -1.42 -4.45
C GLY A 266 -5.66 -1.52 -5.25
N LEU A 267 -6.46 -0.46 -5.19
CA LEU A 267 -7.79 -0.47 -5.79
C LEU A 267 -7.67 -0.59 -7.30
N ALA A 268 -6.58 -0.07 -7.87
CA ALA A 268 -6.40 -0.03 -9.31
C ALA A 268 -6.06 -1.43 -9.83
N GLY A 269 -5.73 -2.38 -8.95
CA GLY A 269 -5.42 -3.74 -9.39
C GLY A 269 -6.65 -4.39 -10.03
N PRO A 270 -6.50 -5.12 -11.15
CA PRO A 270 -7.63 -5.86 -11.72
C PRO A 270 -8.51 -6.74 -10.81
N LEU A 271 -7.92 -7.35 -9.78
CA LEU A 271 -8.70 -8.22 -8.91
C LEU A 271 -9.42 -7.45 -7.80
N HIS A 272 -9.25 -6.13 -7.78
CA HIS A 272 -9.87 -5.32 -6.74
C HIS A 272 -10.92 -4.38 -7.33
N GLY A 273 -10.57 -3.61 -8.36
CA GLY A 273 -11.42 -2.47 -8.72
C GLY A 273 -11.69 -2.31 -10.21
N LEU A 274 -11.51 -3.36 -11.03
CA LEU A 274 -11.80 -3.30 -12.46
C LEU A 274 -12.94 -4.24 -12.86
N ALA A 275 -13.64 -4.86 -11.90
CA ALA A 275 -14.73 -5.76 -12.24
C ALA A 275 -15.87 -5.02 -12.92
N ASN A 276 -16.13 -3.75 -12.51
CA ASN A 276 -17.12 -2.89 -13.14
C ASN A 276 -16.94 -2.90 -14.66
N GLN A 277 -15.82 -2.37 -15.12
CA GLN A 277 -15.40 -2.38 -16.51
C GLN A 277 -15.52 -3.78 -17.11
N GLU A 278 -15.00 -4.80 -16.40
CA GLU A 278 -14.97 -6.14 -16.96
C GLU A 278 -16.38 -6.65 -17.25
N VAL A 279 -17.32 -6.33 -16.36
CA VAL A 279 -18.71 -6.70 -16.50
C VAL A 279 -19.27 -6.03 -17.75
N LEU A 280 -19.07 -4.72 -17.85
CA LEU A 280 -19.63 -3.94 -18.95
C LEU A 280 -19.08 -4.35 -20.33
N VAL A 281 -17.82 -4.78 -20.41
CA VAL A 281 -17.24 -5.25 -21.65
C VAL A 281 -17.90 -6.57 -22.07
N TRP A 282 -18.16 -7.42 -21.08
CA TRP A 282 -18.81 -8.69 -21.34
C TRP A 282 -20.28 -8.50 -21.74
N LEU A 283 -21.02 -7.63 -21.05
CA LEU A 283 -22.41 -7.39 -21.38
C LEU A 283 -22.52 -6.81 -22.78
N THR A 284 -21.59 -5.92 -23.17
CA THR A 284 -21.68 -5.24 -24.46
C THR A 284 -21.41 -6.27 -25.55
N GLN A 285 -20.36 -7.09 -25.37
CA GLN A 285 -20.06 -8.20 -26.27
C GLN A 285 -21.28 -9.11 -26.43
N LEU A 286 -21.83 -9.60 -25.31
CA LEU A 286 -23.00 -10.46 -25.30
C LEU A 286 -24.15 -9.85 -26.12
N GLN A 287 -24.36 -8.54 -25.98
CA GLN A 287 -25.47 -7.86 -26.64
C GLN A 287 -25.34 -7.89 -28.15
N LYS A 288 -24.11 -8.00 -28.66
CA LYS A 288 -23.92 -8.19 -30.09
C LYS A 288 -24.19 -9.65 -30.43
N GLU A 289 -23.49 -10.57 -29.75
CA GLU A 289 -23.53 -11.99 -30.07
C GLU A 289 -24.93 -12.59 -29.97
N VAL A 290 -25.86 -12.01 -29.20
CA VAL A 290 -27.20 -12.57 -29.10
C VAL A 290 -28.28 -11.51 -29.40
N GLY A 291 -27.89 -10.36 -29.96
CA GLY A 291 -28.84 -9.28 -30.23
C GLY A 291 -29.36 -8.64 -28.95
N LYS A 292 -29.97 -7.45 -29.06
CA LYS A 292 -30.48 -6.73 -27.89
C LYS A 292 -31.83 -7.34 -27.50
N ASP A 293 -32.67 -7.60 -28.51
CA ASP A 293 -33.94 -8.28 -28.35
C ASP A 293 -33.67 -9.77 -28.17
N VAL A 294 -33.63 -10.23 -26.92
CA VAL A 294 -33.04 -11.52 -26.60
C VAL A 294 -34.09 -12.39 -25.91
N SER A 295 -33.95 -13.72 -26.03
CA SER A 295 -34.86 -14.68 -25.44
C SER A 295 -34.41 -14.98 -24.01
N ASP A 296 -34.93 -16.06 -23.41
CA ASP A 296 -34.54 -16.53 -22.09
C ASP A 296 -33.63 -17.75 -22.21
N GLU A 297 -33.72 -18.47 -23.35
CA GLU A 297 -32.97 -19.71 -23.53
C GLU A 297 -31.61 -19.38 -24.14
N LYS A 298 -31.65 -18.56 -25.19
CA LYS A 298 -30.46 -18.14 -25.90
C LYS A 298 -29.52 -17.47 -24.89
N LEU A 299 -30.11 -16.85 -23.86
CA LEU A 299 -29.34 -16.28 -22.77
C LEU A 299 -28.81 -17.40 -21.87
N ARG A 300 -29.62 -18.44 -21.63
CA ARG A 300 -29.17 -19.55 -20.80
C ARG A 300 -28.13 -20.40 -21.55
N ASP A 301 -28.28 -20.47 -22.89
CA ASP A 301 -27.31 -21.15 -23.73
C ASP A 301 -25.94 -20.49 -23.59
N TYR A 302 -25.89 -19.17 -23.82
CA TYR A 302 -24.66 -18.39 -23.77
C TYR A 302 -23.98 -18.56 -22.41
N ILE A 303 -24.76 -18.47 -21.33
CA ILE A 303 -24.21 -18.64 -20.00
C ILE A 303 -23.74 -20.08 -19.85
N TRP A 304 -24.51 -21.04 -20.38
CA TRP A 304 -24.02 -22.41 -20.41
C TRP A 304 -22.73 -22.51 -21.23
N ASN A 305 -22.68 -21.86 -22.39
CA ASN A 305 -21.53 -21.98 -23.27
C ASN A 305 -20.32 -21.24 -22.68
N THR A 306 -20.56 -20.21 -21.86
CA THR A 306 -19.49 -19.49 -21.17
C THR A 306 -18.81 -20.39 -20.14
N LEU A 307 -19.63 -21.16 -19.41
CA LEU A 307 -19.18 -21.96 -18.29
C LEU A 307 -18.28 -23.11 -18.75
N ASN A 308 -18.61 -23.67 -19.92
CA ASN A 308 -17.86 -24.79 -20.45
C ASN A 308 -16.48 -24.28 -20.91
N SER A 309 -16.53 -23.12 -21.77
CA SER A 309 -15.12 -22.91 -22.23
C SER A 309 -14.17 -22.82 -21.03
N GLY A 310 -14.72 -22.60 -19.81
CA GLY A 310 -13.89 -22.51 -18.62
C GLY A 310 -13.70 -21.06 -18.19
N ARG A 311 -14.64 -20.18 -18.61
CA ARG A 311 -14.48 -18.74 -18.43
C ARG A 311 -15.53 -18.23 -17.44
N VAL A 312 -15.15 -17.18 -16.68
CA VAL A 312 -15.96 -16.69 -15.58
C VAL A 312 -17.14 -15.87 -16.12
N VAL A 313 -18.21 -15.86 -15.35
CA VAL A 313 -19.27 -14.88 -15.52
C VAL A 313 -18.91 -13.68 -14.64
N PRO A 314 -18.49 -12.54 -15.23
CA PRO A 314 -18.01 -11.42 -14.43
C PRO A 314 -19.21 -10.92 -13.64
N GLY A 315 -18.97 -10.52 -12.40
CA GLY A 315 -19.94 -9.80 -11.59
C GLY A 315 -20.68 -10.72 -10.64
N TYR A 316 -20.34 -12.02 -10.70
CA TYR A 316 -20.92 -13.04 -9.84
C TYR A 316 -19.80 -13.60 -8.95
N GLY A 317 -20.14 -13.86 -7.68
CA GLY A 317 -19.20 -14.43 -6.71
C GLY A 317 -18.55 -13.36 -5.82
N HIS A 318 -17.92 -13.81 -4.72
CA HIS A 318 -17.14 -12.93 -3.87
C HIS A 318 -16.19 -13.75 -3.00
N ALA A 319 -15.10 -13.10 -2.56
CA ALA A 319 -14.17 -13.68 -1.61
C ALA A 319 -14.79 -14.00 -0.23
N VAL A 320 -15.95 -13.29 0.24
CA VAL A 320 -16.50 -13.79 1.54
C VAL A 320 -18.03 -13.86 1.46
N LEU A 321 -18.67 -12.69 0.72
CA LEU A 321 -20.12 -12.73 0.55
C LEU A 321 -20.55 -14.10 -0.01
N ARG A 322 -21.68 -14.61 0.50
CA ARG A 322 -22.26 -15.86 0.06
C ARG A 322 -23.77 -15.70 -0.15
N LYS A 323 -24.20 -14.53 -0.62
CA LYS A 323 -25.59 -14.31 -1.02
C LYS A 323 -25.65 -13.01 -1.83
N THR A 324 -26.85 -12.58 -2.25
CA THR A 324 -26.95 -11.39 -3.10
C THR A 324 -26.41 -10.17 -2.34
N ASP A 325 -25.55 -9.41 -3.03
CA ASP A 325 -24.87 -8.27 -2.44
C ASP A 325 -25.90 -7.15 -2.32
N PRO A 326 -26.17 -6.65 -1.10
CA PRO A 326 -27.16 -5.59 -0.96
C PRO A 326 -26.81 -4.32 -1.74
N ARG A 327 -25.53 -4.17 -2.14
CA ARG A 327 -25.10 -3.04 -2.97
C ARG A 327 -25.54 -3.22 -4.44
N TYR A 328 -25.68 -4.49 -4.87
CA TYR A 328 -26.41 -4.81 -6.09
C TYR A 328 -27.89 -4.43 -6.03
N THR A 329 -28.65 -4.98 -5.07
CA THR A 329 -30.07 -4.70 -4.90
C THR A 329 -30.34 -3.19 -4.97
N CYS A 330 -29.55 -2.41 -4.22
CA CYS A 330 -29.58 -0.96 -4.22
C CYS A 330 -29.59 -0.38 -5.64
N GLN A 331 -28.68 -0.87 -6.48
CA GLN A 331 -28.58 -0.38 -7.84
C GLN A 331 -29.77 -0.88 -8.65
N ARG A 332 -30.19 -2.11 -8.43
CA ARG A 332 -31.38 -2.65 -9.08
C ARG A 332 -32.55 -1.72 -8.80
N GLU A 333 -32.89 -1.53 -7.51
CA GLU A 333 -34.00 -0.67 -7.08
C GLU A 333 -33.94 0.69 -7.77
N PHE A 334 -32.74 1.26 -7.89
CA PHE A 334 -32.56 2.55 -8.53
C PHE A 334 -32.87 2.46 -10.02
N ALA A 335 -32.49 1.33 -10.64
CA ALA A 335 -32.73 1.14 -12.07
C ALA A 335 -34.22 0.95 -12.38
N LEU A 336 -34.90 0.03 -11.66
CA LEU A 336 -36.34 -0.18 -11.77
C LEU A 336 -37.10 1.16 -11.73
N LYS A 337 -36.68 2.06 -10.82
CA LYS A 337 -37.28 3.37 -10.68
C LYS A 337 -36.97 4.28 -11.86
N HIS A 338 -35.72 4.32 -12.33
CA HIS A 338 -35.29 5.46 -13.13
C HIS A 338 -35.00 5.11 -14.59
N LEU A 339 -34.66 3.85 -14.90
CA LEU A 339 -34.36 3.50 -16.29
C LEU A 339 -34.82 2.08 -16.60
N PRO A 340 -36.10 1.72 -16.31
CA PRO A 340 -36.52 0.33 -16.43
C PRO A 340 -36.47 -0.25 -17.84
N ASN A 341 -36.47 0.62 -18.86
CA ASN A 341 -36.60 0.21 -20.26
C ASN A 341 -35.27 0.28 -20.98
N ASP A 342 -34.20 0.61 -20.24
CA ASP A 342 -32.86 0.61 -20.80
C ASP A 342 -32.48 -0.80 -21.22
N PRO A 343 -32.10 -1.00 -22.51
CA PRO A 343 -31.72 -2.32 -23.02
C PRO A 343 -30.68 -3.03 -22.17
N MET A 344 -29.66 -2.27 -21.74
CA MET A 344 -28.57 -2.88 -20.99
C MET A 344 -29.09 -3.31 -19.63
N PHE A 345 -29.95 -2.48 -19.00
CA PHE A 345 -30.45 -2.84 -17.68
C PHE A 345 -31.27 -4.12 -17.80
N LYS A 346 -32.16 -4.17 -18.79
CA LYS A 346 -33.03 -5.32 -18.99
C LYS A 346 -32.19 -6.60 -18.99
N LEU A 347 -31.10 -6.56 -19.74
CA LEU A 347 -30.18 -7.66 -19.86
C LEU A 347 -29.60 -8.05 -18.50
N VAL A 348 -29.07 -7.05 -17.79
CA VAL A 348 -28.55 -7.28 -16.44
C VAL A 348 -29.64 -7.94 -15.62
N ALA A 349 -30.87 -7.43 -15.73
CA ALA A 349 -31.99 -7.90 -14.93
C ALA A 349 -32.33 -9.36 -15.28
N GLN A 350 -32.43 -9.63 -16.60
CA GLN A 350 -32.54 -10.99 -17.14
C GLN A 350 -31.47 -11.91 -16.57
N LEU A 351 -30.20 -11.44 -16.49
CA LEU A 351 -29.11 -12.27 -16.02
C LEU A 351 -29.26 -12.65 -14.55
N TYR A 352 -29.88 -11.77 -13.75
CA TYR A 352 -30.17 -12.07 -12.35
C TYR A 352 -31.16 -13.25 -12.29
N LYS A 353 -32.11 -13.27 -13.25
CA LYS A 353 -33.09 -14.34 -13.36
C LYS A 353 -32.38 -15.66 -13.66
N ILE A 354 -31.47 -15.61 -14.65
CA ILE A 354 -30.86 -16.79 -15.25
C ILE A 354 -29.64 -17.25 -14.45
N VAL A 355 -28.61 -16.40 -14.34
CA VAL A 355 -27.25 -16.81 -14.02
C VAL A 355 -27.21 -17.59 -12.71
N PRO A 356 -27.91 -17.19 -11.62
CA PRO A 356 -27.76 -17.87 -10.34
C PRO A 356 -28.14 -19.35 -10.40
N ASN A 357 -29.14 -19.65 -11.24
CA ASN A 357 -29.53 -21.02 -11.53
C ASN A 357 -28.28 -21.85 -11.85
N VAL A 358 -27.59 -21.47 -12.94
CA VAL A 358 -26.64 -22.35 -13.61
C VAL A 358 -25.43 -22.63 -12.71
N LEU A 359 -25.02 -21.64 -11.89
CA LEU A 359 -23.86 -21.79 -11.03
C LEU A 359 -24.16 -22.72 -9.88
N LEU A 360 -25.46 -22.98 -9.63
CA LEU A 360 -25.91 -23.96 -8.66
C LEU A 360 -25.65 -25.38 -9.16
N GLU A 361 -25.95 -25.64 -10.44
CA GLU A 361 -25.72 -26.94 -11.05
C GLU A 361 -24.23 -27.19 -11.30
N GLN A 362 -23.37 -26.21 -10.98
CA GLN A 362 -21.94 -26.34 -11.17
C GLN A 362 -21.32 -26.98 -9.93
N GLY A 363 -21.72 -26.51 -8.74
CA GLY A 363 -21.08 -26.93 -7.50
C GLY A 363 -19.77 -26.17 -7.26
N LYS A 364 -19.19 -25.64 -8.33
CA LYS A 364 -18.13 -24.65 -8.24
C LYS A 364 -18.79 -23.27 -8.35
N ALA A 365 -18.60 -22.47 -7.29
CA ALA A 365 -19.05 -21.10 -7.21
C ALA A 365 -18.99 -20.66 -5.75
N LYS A 366 -19.75 -21.34 -4.88
CA LYS A 366 -19.91 -20.95 -3.48
C LYS A 366 -20.79 -19.69 -3.37
N ASN A 367 -20.49 -18.66 -4.18
CA ASN A 367 -21.34 -17.48 -4.28
C ASN A 367 -21.90 -17.38 -5.71
N PRO A 368 -23.12 -17.92 -5.98
CA PRO A 368 -23.73 -17.84 -7.31
C PRO A 368 -24.51 -16.56 -7.62
N TRP A 369 -24.46 -15.60 -6.69
CA TRP A 369 -25.24 -14.38 -6.76
C TRP A 369 -24.34 -13.21 -7.13
N PRO A 370 -24.92 -12.09 -7.61
CA PRO A 370 -24.11 -11.00 -8.13
C PRO A 370 -23.50 -10.17 -7.02
N ASN A 371 -22.35 -9.57 -7.31
CA ASN A 371 -21.77 -8.54 -6.46
C ASN A 371 -22.18 -7.17 -7.00
N VAL A 372 -21.70 -6.09 -6.36
CA VAL A 372 -22.01 -4.71 -6.70
C VAL A 372 -21.64 -4.43 -8.15
N ASP A 373 -20.50 -4.96 -8.60
CA ASP A 373 -19.91 -4.60 -9.88
C ASP A 373 -20.71 -5.15 -11.06
N ALA A 374 -21.63 -6.09 -10.81
CA ALA A 374 -22.51 -6.59 -11.86
C ALA A 374 -23.47 -5.50 -12.36
N HIS A 375 -23.77 -4.50 -11.53
CA HIS A 375 -24.86 -3.58 -11.81
C HIS A 375 -24.39 -2.15 -12.10
N SER A 376 -23.13 -1.82 -11.80
CA SER A 376 -22.74 -0.41 -11.74
C SER A 376 -22.50 0.20 -13.13
N GLY A 377 -21.77 -0.52 -13.99
CA GLY A 377 -21.44 -0.02 -15.31
C GLY A 377 -22.64 0.55 -16.06
N VAL A 378 -23.76 -0.17 -16.05
CA VAL A 378 -24.85 0.18 -16.94
C VAL A 378 -25.55 1.44 -16.42
N LEU A 379 -25.57 1.64 -15.10
CA LEU A 379 -26.10 2.86 -14.53
C LEU A 379 -25.27 4.06 -14.97
N LEU A 380 -23.93 3.92 -14.99
CA LEU A 380 -23.07 5.02 -15.41
C LEU A 380 -23.20 5.28 -16.91
N GLN A 381 -23.09 4.23 -17.74
CA GLN A 381 -23.20 4.39 -19.18
C GLN A 381 -24.50 5.11 -19.56
N TYR A 382 -25.59 4.73 -18.89
CA TYR A 382 -26.91 5.30 -19.14
C TYR A 382 -26.88 6.82 -19.03
N TYR A 383 -26.19 7.37 -18.00
CA TYR A 383 -26.25 8.80 -17.76
C TYR A 383 -25.19 9.54 -18.59
N GLY A 384 -24.46 8.84 -19.46
CA GLY A 384 -23.57 9.51 -20.39
C GLY A 384 -22.10 9.39 -20.02
N MET A 385 -21.84 8.75 -18.87
CA MET A 385 -20.46 8.47 -18.46
C MET A 385 -20.04 7.12 -18.99
N THR A 386 -19.35 7.15 -20.13
CA THR A 386 -19.05 5.95 -20.88
C THR A 386 -17.56 5.62 -20.85
N GLU A 387 -16.75 6.46 -20.18
CA GLU A 387 -15.31 6.28 -20.17
C GLU A 387 -14.96 5.30 -19.06
N MET A 388 -14.97 4.00 -19.39
CA MET A 388 -14.82 2.89 -18.47
C MET A 388 -13.52 2.96 -17.68
N ASN A 389 -12.48 3.61 -18.19
CA ASN A 389 -11.23 3.65 -17.46
C ASN A 389 -11.35 4.52 -16.21
N TYR A 390 -12.44 5.31 -16.11
CA TYR A 390 -12.63 6.29 -15.06
C TYR A 390 -13.47 5.73 -13.92
N TYR A 391 -14.19 4.64 -14.17
CA TYR A 391 -15.12 4.11 -13.20
C TYR A 391 -14.48 3.90 -11.84
N THR A 392 -13.24 3.41 -11.81
CA THR A 392 -12.64 3.06 -10.53
C THR A 392 -12.28 4.32 -9.72
N VAL A 393 -12.14 5.46 -10.41
CA VAL A 393 -11.98 6.73 -9.74
C VAL A 393 -13.17 7.03 -8.85
N LEU A 394 -14.40 6.88 -9.37
CA LEU A 394 -15.58 6.98 -8.54
C LEU A 394 -15.52 6.07 -7.32
N PHE A 395 -15.20 4.78 -7.51
CA PHE A 395 -15.09 3.83 -6.39
C PHE A 395 -14.08 4.35 -5.35
N GLY A 396 -12.94 4.85 -5.81
CA GLY A 396 -11.95 5.38 -4.91
C GLY A 396 -12.46 6.54 -4.07
N VAL A 397 -13.16 7.48 -4.70
CA VAL A 397 -13.63 8.64 -3.99
C VAL A 397 -14.62 8.20 -2.92
N SER A 398 -15.45 7.22 -3.25
CA SER A 398 -16.35 6.63 -2.25
C SER A 398 -15.59 5.97 -1.11
N ARG A 399 -14.66 5.09 -1.47
CA ARG A 399 -13.91 4.32 -0.47
C ARG A 399 -13.13 5.22 0.50
N ALA A 400 -12.78 6.46 0.09
CA ALA A 400 -12.15 7.40 0.99
C ALA A 400 -12.94 7.54 2.30
N LEU A 401 -14.25 7.64 2.21
CA LEU A 401 -15.07 7.81 3.39
C LEU A 401 -14.81 6.71 4.40
N GLY A 402 -14.84 5.46 3.95
CA GLY A 402 -14.71 4.35 4.89
C GLY A 402 -13.31 4.24 5.48
N VAL A 403 -12.28 4.20 4.63
CA VAL A 403 -10.93 3.92 5.11
C VAL A 403 -10.41 5.06 5.99
N LEU A 404 -10.80 6.31 5.69
CA LEU A 404 -10.41 7.45 6.50
C LEU A 404 -11.19 7.49 7.82
N ALA A 405 -12.48 7.17 7.81
CA ALA A 405 -13.20 7.04 9.07
C ALA A 405 -12.46 6.08 9.98
N GLN A 406 -12.04 4.93 9.45
CA GLN A 406 -11.36 3.96 10.28
C GLN A 406 -9.97 4.48 10.66
N LEU A 407 -9.28 5.16 9.76
CA LEU A 407 -7.94 5.62 10.04
C LEU A 407 -7.90 6.54 11.26
N ILE A 408 -8.93 7.39 11.40
CA ILE A 408 -9.11 8.23 12.57
C ILE A 408 -9.19 7.37 13.85
N TRP A 409 -10.02 6.34 13.83
CA TRP A 409 -10.17 5.43 14.94
C TRP A 409 -8.93 4.58 15.21
N SER A 410 -8.26 4.06 14.19
CA SER A 410 -7.01 3.33 14.39
C SER A 410 -5.98 4.18 15.13
N ARG A 411 -5.90 5.49 14.85
CA ARG A 411 -5.00 6.34 15.60
C ARG A 411 -5.56 6.69 16.98
N ALA A 412 -6.87 6.92 17.08
CA ALA A 412 -7.49 7.23 18.35
C ALA A 412 -7.26 6.12 19.37
N LEU A 413 -7.40 4.87 18.89
CA LEU A 413 -7.26 3.69 19.69
C LEU A 413 -5.83 3.17 19.80
N GLY A 414 -4.87 3.85 19.17
CA GLY A 414 -3.49 3.46 19.37
C GLY A 414 -3.10 2.13 18.72
N PHE A 415 -3.69 1.78 17.55
CA PHE A 415 -3.37 0.54 16.87
C PHE A 415 -1.91 0.60 16.44
N PRO A 416 -1.12 -0.46 16.70
CA PRO A 416 0.31 -0.41 16.46
C PRO A 416 0.63 -0.68 14.99
N LEU A 417 1.92 -0.71 14.67
CA LEU A 417 2.36 -1.11 13.36
C LEU A 417 1.86 -2.51 13.05
N GLU A 418 1.33 -2.71 11.82
CA GLU A 418 0.99 -4.03 11.32
C GLU A 418 2.27 -4.71 10.86
N ARG A 419 2.62 -5.85 11.48
CA ARG A 419 3.85 -6.54 11.18
C ARG A 419 3.63 -8.04 11.47
N PRO A 420 2.99 -8.81 10.58
CA PRO A 420 2.95 -10.25 10.76
C PRO A 420 4.36 -10.75 10.49
N LYS A 421 4.57 -12.02 10.81
CA LYS A 421 5.81 -12.70 10.47
C LYS A 421 5.65 -13.43 9.14
N SER A 422 6.63 -13.31 8.24
CA SER A 422 6.64 -14.09 7.02
C SER A 422 7.55 -15.30 7.21
N MET A 423 7.34 -16.32 6.36
CA MET A 423 8.21 -17.48 6.23
C MET A 423 8.47 -17.77 4.77
N SER A 424 9.64 -18.36 4.48
CA SER A 424 9.85 -18.96 3.19
C SER A 424 9.26 -20.35 3.24
N THR A 425 9.09 -20.90 2.03
CA THR A 425 8.66 -22.28 1.82
C THR A 425 9.61 -23.22 2.57
N GLU A 426 10.92 -22.99 2.38
CA GLU A 426 11.98 -23.76 3.05
C GLU A 426 11.82 -23.66 4.56
N GLY A 427 11.70 -22.43 5.04
CA GLY A 427 11.54 -22.16 6.44
C GLY A 427 10.24 -22.77 6.97
N LEU A 428 9.17 -22.67 6.18
CA LEU A 428 7.89 -23.17 6.68
C LEU A 428 7.99 -24.68 6.85
N MET A 429 8.58 -25.33 5.83
CA MET A 429 8.75 -26.79 5.82
C MET A 429 9.53 -27.27 7.03
N LYS A 430 10.51 -26.46 7.45
CA LYS A 430 11.32 -26.85 8.58
C LYS A 430 10.54 -26.59 9.86
N PHE A 431 9.69 -25.56 9.85
CA PHE A 431 8.98 -25.24 11.07
C PHE A 431 7.96 -26.32 11.34
N VAL A 432 7.23 -26.73 10.31
CA VAL A 432 6.23 -27.77 10.50
C VAL A 432 6.90 -29.07 10.96
N ASP A 433 8.06 -29.36 10.37
CA ASP A 433 8.84 -30.54 10.80
C ASP A 433 9.56 -30.12 12.08
N SER A 434 8.81 -29.80 13.13
CA SER A 434 9.40 -29.33 14.42
C SER A 434 8.32 -29.42 15.50
N SER B 1 21.62 -18.74 -20.46
CA SER B 1 23.02 -18.69 -19.97
C SER B 1 23.29 -17.43 -19.15
N THR B 2 23.32 -16.29 -19.83
CA THR B 2 23.46 -15.01 -19.15
C THR B 2 22.07 -14.39 -19.00
N ASN B 3 21.09 -14.81 -19.83
CA ASN B 3 19.79 -14.17 -19.79
C ASN B 3 19.04 -14.65 -18.55
N LEU B 4 18.92 -13.75 -17.58
CA LEU B 4 18.30 -14.07 -16.30
C LEU B 4 16.88 -14.58 -16.51
N LYS B 5 16.22 -14.08 -17.55
CA LYS B 5 14.85 -14.44 -17.80
C LYS B 5 14.68 -15.93 -18.14
N ASP B 6 15.65 -16.50 -18.88
CA ASP B 6 15.55 -17.90 -19.27
C ASP B 6 15.93 -18.80 -18.10
N ILE B 7 16.89 -18.33 -17.28
CA ILE B 7 17.32 -19.06 -16.09
C ILE B 7 16.16 -19.12 -15.11
N LEU B 8 15.47 -17.98 -14.92
CA LEU B 8 14.25 -17.95 -14.11
C LEU B 8 13.24 -18.93 -14.68
N ALA B 9 12.98 -18.87 -15.99
CA ALA B 9 11.98 -19.74 -16.61
C ALA B 9 12.30 -21.20 -16.28
N ASP B 10 13.57 -21.59 -16.18
CA ASP B 10 13.90 -22.98 -15.86
C ASP B 10 13.73 -23.33 -14.39
N LEU B 11 13.78 -22.33 -13.52
CA LEU B 11 13.69 -22.56 -12.08
C LEU B 11 12.23 -22.67 -11.63
N ILE B 12 11.32 -22.00 -12.30
CA ILE B 12 9.98 -21.77 -11.77
C ILE B 12 9.24 -23.09 -11.64
N PRO B 13 9.32 -24.02 -12.61
CA PRO B 13 8.59 -25.30 -12.51
C PRO B 13 9.01 -26.15 -11.32
N LYS B 14 10.31 -26.13 -11.01
CA LYS B 14 10.84 -26.88 -9.89
C LYS B 14 10.25 -26.38 -8.57
N GLU B 15 10.13 -25.05 -8.44
CA GLU B 15 9.64 -24.40 -7.23
C GLU B 15 8.13 -24.63 -7.12
N GLN B 16 7.41 -24.55 -8.24
CA GLN B 16 5.97 -24.77 -8.21
C GLN B 16 5.66 -26.18 -7.71
N ALA B 17 6.46 -27.15 -8.14
CA ALA B 17 6.22 -28.54 -7.76
C ALA B 17 6.55 -28.71 -6.27
N ARG B 18 7.59 -28.02 -5.79
CA ARG B 18 8.03 -28.16 -4.41
C ARG B 18 6.96 -27.62 -3.46
N ILE B 19 6.30 -26.52 -3.87
CA ILE B 19 5.22 -25.96 -3.09
C ILE B 19 3.99 -26.88 -3.16
N LYS B 20 3.66 -27.34 -4.37
CA LYS B 20 2.53 -28.25 -4.54
C LYS B 20 2.70 -29.50 -3.66
N THR B 21 3.89 -30.08 -3.63
CA THR B 21 4.16 -31.24 -2.78
C THR B 21 3.95 -30.88 -1.32
N PHE B 22 4.44 -29.72 -0.90
CA PHE B 22 4.33 -29.36 0.51
C PHE B 22 2.88 -29.08 0.97
N ARG B 23 2.09 -28.37 0.16
CA ARG B 23 0.69 -28.11 0.44
C ARG B 23 -0.16 -29.39 0.42
N GLN B 24 0.19 -30.33 -0.46
CA GLN B 24 -0.50 -31.62 -0.47
C GLN B 24 -0.15 -32.46 0.77
N GLN B 25 1.05 -32.27 1.33
CA GLN B 25 1.41 -32.99 2.54
C GLN B 25 0.82 -32.34 3.79
N HIS B 26 0.71 -31.01 3.81
CA HIS B 26 0.60 -30.25 5.06
C HIS B 26 -0.32 -29.03 4.97
N GLY B 27 -1.04 -28.85 3.86
CA GLY B 27 -1.95 -27.72 3.71
C GLY B 27 -2.81 -27.45 4.96
N LYS B 28 -3.36 -28.50 5.55
CA LYS B 28 -4.26 -28.33 6.69
C LYS B 28 -3.51 -28.29 8.01
N THR B 29 -2.17 -28.42 8.02
CA THR B 29 -1.44 -28.43 9.27
C THR B 29 -1.49 -27.04 9.94
N VAL B 30 -1.79 -27.04 11.24
CA VAL B 30 -1.85 -25.79 11.98
C VAL B 30 -0.43 -25.33 12.34
N VAL B 31 -0.10 -24.06 11.98
CA VAL B 31 1.21 -23.47 12.26
C VAL B 31 1.16 -22.42 13.36
N GLY B 32 -0.03 -21.98 13.76
CA GLY B 32 -0.18 -20.93 14.75
C GLY B 32 -1.64 -20.73 15.15
N GLN B 33 -1.82 -20.09 16.31
CA GLN B 33 -3.12 -19.69 16.82
C GLN B 33 -3.26 -18.19 16.58
N ILE B 34 -4.50 -17.71 16.45
CA ILE B 34 -4.75 -16.28 16.44
C ILE B 34 -5.49 -15.89 17.70
N THR B 35 -4.93 -14.94 18.45
CA THR B 35 -5.60 -14.44 19.64
C THR B 35 -6.23 -13.07 19.39
N VAL B 36 -7.11 -12.68 20.31
CA VAL B 36 -7.71 -11.36 20.30
C VAL B 36 -6.59 -10.32 20.28
N ASP B 37 -5.53 -10.56 21.05
CA ASP B 37 -4.45 -9.61 21.21
C ASP B 37 -3.66 -9.43 19.92
N MET B 38 -3.55 -10.48 19.08
CA MET B 38 -2.76 -10.38 17.86
C MET B 38 -3.50 -9.51 16.84
N MET B 39 -4.86 -9.60 16.86
CA MET B 39 -5.71 -8.81 15.99
C MET B 39 -5.63 -7.31 16.35
N TYR B 40 -5.68 -7.02 17.66
CA TYR B 40 -5.51 -5.67 18.17
C TYR B 40 -4.06 -5.21 18.00
N GLY B 41 -3.11 -6.14 17.93
CA GLY B 41 -1.68 -5.84 18.05
C GLY B 41 -0.97 -5.91 16.69
N GLY B 42 -1.70 -5.67 15.59
CA GLY B 42 -1.05 -5.53 14.30
C GLY B 42 -0.47 -6.86 13.83
N MET B 43 -1.10 -7.97 14.21
CA MET B 43 -0.73 -9.31 13.78
C MET B 43 0.63 -9.74 14.32
N ARG B 44 1.08 -9.14 15.43
CA ARG B 44 2.40 -9.44 15.97
C ARG B 44 2.50 -10.93 16.28
N GLY B 45 3.55 -11.57 15.77
CA GLY B 45 3.85 -12.96 16.04
C GLY B 45 3.05 -13.93 15.18
N MET B 46 2.14 -13.41 14.35
CA MET B 46 1.24 -14.24 13.58
C MET B 46 1.93 -14.51 12.25
N LYS B 47 1.98 -15.80 11.89
CA LYS B 47 2.65 -16.27 10.68
C LYS B 47 1.65 -16.16 9.55
N GLY B 48 1.80 -15.13 8.73
CA GLY B 48 0.69 -14.70 7.90
C GLY B 48 0.93 -14.78 6.41
N LEU B 49 2.19 -14.83 5.96
CA LEU B 49 2.40 -14.84 4.52
C LEU B 49 3.70 -15.55 4.18
N VAL B 50 3.74 -16.08 2.96
CA VAL B 50 4.96 -16.69 2.43
C VAL B 50 5.71 -15.67 1.57
N TYR B 51 7.03 -15.66 1.79
CA TYR B 51 7.95 -14.65 1.28
C TYR B 51 9.33 -15.30 1.16
N GLU B 52 9.75 -15.50 -0.08
CA GLU B 52 10.81 -16.47 -0.37
C GLU B 52 12.22 -15.87 -0.32
N THR B 53 12.35 -14.55 -0.44
CA THR B 53 13.64 -13.99 -0.82
C THR B 53 14.58 -13.90 0.39
N SER B 54 14.05 -13.63 1.58
CA SER B 54 14.86 -13.42 2.76
C SER B 54 14.12 -13.87 4.01
N VAL B 55 14.93 -14.19 5.02
CA VAL B 55 14.51 -14.78 6.26
C VAL B 55 15.42 -14.28 7.37
N LEU B 56 14.83 -13.88 8.51
CA LEU B 56 15.59 -13.46 9.68
C LEU B 56 16.14 -14.66 10.46
N ASP B 57 17.46 -14.84 10.42
CA ASP B 57 18.14 -15.84 11.23
C ASP B 57 18.38 -15.23 12.60
N PRO B 58 17.82 -15.82 13.68
CA PRO B 58 17.83 -15.15 14.98
C PRO B 58 19.19 -15.04 15.67
N ASP B 59 20.21 -15.71 15.09
CA ASP B 59 21.55 -15.71 15.68
C ASP B 59 22.62 -15.28 14.67
N GLU B 60 22.25 -14.98 13.41
CA GLU B 60 23.21 -14.56 12.38
C GLU B 60 22.70 -13.37 11.55
N GLY B 61 21.42 -12.99 11.71
CA GLY B 61 20.80 -11.84 11.05
C GLY B 61 19.94 -12.22 9.83
N ILE B 62 19.63 -11.22 9.00
CA ILE B 62 18.95 -11.47 7.75
C ILE B 62 19.82 -12.40 6.90
N ARG B 63 19.21 -13.44 6.32
CA ARG B 63 19.80 -14.19 5.23
C ARG B 63 19.05 -13.91 3.94
N PHE B 64 19.82 -13.74 2.87
CA PHE B 64 19.30 -13.61 1.52
C PHE B 64 19.37 -14.97 0.84
N ARG B 65 18.20 -15.59 0.60
CA ARG B 65 18.16 -16.91 0.00
C ARG B 65 19.16 -17.81 0.71
N GLY B 66 19.24 -17.69 2.04
CA GLY B 66 20.07 -18.57 2.85
C GLY B 66 21.43 -17.97 3.23
N PHE B 67 21.94 -17.01 2.45
CA PHE B 67 23.27 -16.45 2.65
C PHE B 67 23.20 -15.27 3.62
N SER B 68 24.10 -15.29 4.64
CA SER B 68 24.22 -14.20 5.62
C SER B 68 24.88 -13.02 4.95
N ILE B 69 24.87 -11.86 5.61
CA ILE B 69 25.52 -10.68 5.06
C ILE B 69 27.01 -10.93 4.85
N PRO B 70 27.78 -11.39 5.87
CA PRO B 70 29.20 -11.72 5.65
C PRO B 70 29.43 -12.67 4.47
N GLU B 71 28.52 -13.65 4.29
CA GLU B 71 28.63 -14.57 3.17
C GLU B 71 28.46 -13.82 1.85
N CYS B 72 27.54 -12.83 1.81
CA CYS B 72 27.31 -12.06 0.59
C CYS B 72 28.50 -11.16 0.29
N GLN B 73 29.09 -10.58 1.32
CA GLN B 73 30.30 -9.80 1.15
C GLN B 73 31.45 -10.60 0.55
N LYS B 74 31.67 -11.83 1.04
CA LYS B 74 32.64 -12.74 0.44
C LYS B 74 32.29 -13.09 -1.01
N LEU B 75 31.05 -13.57 -1.26
CA LEU B 75 30.78 -14.36 -2.46
C LEU B 75 30.35 -13.50 -3.65
N LEU B 76 29.65 -12.38 -3.41
CA LEU B 76 29.01 -11.65 -4.50
C LEU B 76 30.09 -10.92 -5.30
N PRO B 77 29.99 -10.82 -6.66
CA PRO B 77 30.94 -10.00 -7.41
C PRO B 77 30.98 -8.55 -6.91
N LYS B 78 32.20 -8.01 -6.91
CA LYS B 78 32.44 -6.61 -6.65
C LYS B 78 32.72 -5.94 -7.99
N ALA B 79 32.72 -4.60 -8.03
CA ALA B 79 33.25 -3.88 -9.17
C ALA B 79 34.76 -4.13 -9.23
N LYS B 80 35.34 -4.04 -10.43
CA LYS B 80 36.74 -4.44 -10.55
C LYS B 80 37.57 -3.35 -9.87
N GLY B 81 38.45 -3.79 -8.96
CA GLY B 81 39.24 -2.93 -8.11
C GLY B 81 38.44 -2.39 -6.93
N GLY B 82 37.59 -3.24 -6.35
CA GLY B 82 36.63 -2.79 -5.34
C GLY B 82 36.43 -3.85 -4.28
N GLU B 83 35.74 -3.48 -3.19
CA GLU B 83 35.63 -4.35 -2.04
C GLU B 83 34.16 -4.68 -1.72
N GLU B 84 33.21 -3.92 -2.25
CA GLU B 84 31.86 -4.01 -1.75
C GLU B 84 30.96 -4.78 -2.72
N PRO B 85 30.01 -5.61 -2.22
CA PRO B 85 29.08 -6.35 -3.06
C PRO B 85 28.30 -5.42 -3.99
N LEU B 86 28.22 -5.79 -5.26
CA LEU B 86 27.39 -5.09 -6.21
C LEU B 86 25.91 -5.48 -6.05
N PRO B 87 25.00 -4.49 -5.85
CA PRO B 87 23.57 -4.77 -5.70
C PRO B 87 22.96 -5.58 -6.83
N GLU B 88 23.56 -5.51 -8.03
CA GLU B 88 23.14 -6.36 -9.12
C GLU B 88 23.24 -7.82 -8.70
N GLY B 89 24.36 -8.21 -8.04
CA GLY B 89 24.53 -9.60 -7.69
C GLY B 89 23.50 -10.05 -6.66
N LEU B 90 23.22 -9.16 -5.72
CA LEU B 90 22.18 -9.39 -4.72
C LEU B 90 20.86 -9.70 -5.42
N PHE B 91 20.45 -8.86 -6.37
CA PHE B 91 19.20 -9.12 -7.06
C PHE B 91 19.24 -10.50 -7.72
N TRP B 92 20.37 -10.83 -8.37
CA TRP B 92 20.50 -12.11 -9.06
C TRP B 92 20.21 -13.22 -8.07
N LEU B 93 20.86 -13.15 -6.91
CA LEU B 93 20.69 -14.12 -5.86
C LEU B 93 19.24 -14.25 -5.36
N LEU B 94 18.56 -13.11 -5.20
CA LEU B 94 17.20 -13.09 -4.67
C LEU B 94 16.28 -13.76 -5.69
N VAL B 95 16.47 -13.44 -6.97
CA VAL B 95 15.70 -14.02 -8.06
C VAL B 95 16.01 -15.50 -8.25
N THR B 96 17.30 -15.92 -8.16
CA THR B 96 17.62 -17.24 -8.64
C THR B 96 17.85 -18.21 -7.48
N GLY B 97 18.36 -17.73 -6.35
CA GLY B 97 18.76 -18.60 -5.25
C GLY B 97 20.24 -18.94 -5.39
N HIS B 98 20.85 -18.43 -6.47
CA HIS B 98 22.23 -18.72 -6.84
C HIS B 98 23.07 -17.46 -6.72
N ILE B 99 24.30 -17.62 -6.26
CA ILE B 99 25.33 -16.59 -6.37
C ILE B 99 25.70 -16.45 -7.84
N PRO B 100 25.60 -15.24 -8.41
CA PRO B 100 25.94 -15.03 -9.82
C PRO B 100 27.43 -15.16 -10.05
N THR B 101 27.82 -15.37 -11.30
CA THR B 101 29.22 -15.25 -11.71
C THR B 101 29.46 -13.78 -12.03
N GLU B 102 30.73 -13.42 -12.23
CA GLU B 102 31.08 -12.05 -12.59
C GLU B 102 30.37 -11.68 -13.88
N GLU B 103 30.32 -12.59 -14.85
CA GLU B 103 29.75 -12.26 -16.14
C GLU B 103 28.24 -12.03 -16.04
N GLN B 104 27.56 -12.77 -15.15
CA GLN B 104 26.12 -12.60 -14.95
C GLN B 104 25.83 -11.19 -14.42
N VAL B 105 26.61 -10.74 -13.44
CA VAL B 105 26.45 -9.41 -12.87
C VAL B 105 26.70 -8.37 -13.95
N SER B 106 27.70 -8.61 -14.81
CA SER B 106 28.09 -7.71 -15.88
CA SER B 106 28.07 -7.70 -15.87
C SER B 106 26.95 -7.56 -16.90
N TRP B 107 26.34 -8.68 -17.25
CA TRP B 107 25.16 -8.69 -18.09
C TRP B 107 24.03 -7.89 -17.43
N LEU B 108 23.84 -8.08 -16.12
CA LEU B 108 22.71 -7.47 -15.44
C LEU B 108 22.93 -5.96 -15.36
N SER B 109 24.16 -5.54 -15.07
CA SER B 109 24.57 -4.13 -15.12
C SER B 109 24.18 -3.48 -16.45
N LYS B 110 24.58 -4.10 -17.55
CA LYS B 110 24.24 -3.53 -18.85
C LYS B 110 22.74 -3.60 -19.13
N GLU B 111 22.01 -4.60 -18.58
CA GLU B 111 20.57 -4.64 -18.82
C GLU B 111 19.90 -3.41 -18.22
N TRP B 112 20.33 -3.00 -17.01
CA TRP B 112 19.70 -1.89 -16.33
C TRP B 112 20.10 -0.54 -16.96
N ALA B 113 21.34 -0.39 -17.46
CA ALA B 113 21.71 0.81 -18.21
C ALA B 113 20.82 1.02 -19.45
N LYS B 114 20.56 -0.07 -20.19
CA LYS B 114 19.73 0.00 -21.39
C LYS B 114 18.30 0.43 -21.09
N ARG B 115 17.77 0.13 -19.88
CA ARG B 115 16.34 0.34 -19.62
C ARG B 115 16.10 1.59 -18.79
N ALA B 116 17.16 2.38 -18.56
CA ALA B 116 17.16 3.49 -17.61
C ALA B 116 16.33 4.73 -18.00
N ALA B 117 16.01 4.95 -19.28
CA ALA B 117 15.36 6.15 -19.77
C ALA B 117 14.02 6.45 -19.11
N LEU B 118 13.83 7.71 -18.73
CA LEU B 118 12.58 8.19 -18.17
C LEU B 118 11.69 8.77 -19.28
N PRO B 119 10.37 8.48 -19.28
CA PRO B 119 9.44 9.23 -20.11
C PRO B 119 9.38 10.70 -19.70
N SER B 120 9.28 11.55 -20.71
CA SER B 120 9.37 12.99 -20.52
C SER B 120 8.28 13.43 -19.54
N HIS B 121 7.15 12.73 -19.49
CA HIS B 121 6.08 13.22 -18.62
C HIS B 121 6.50 13.10 -17.15
N VAL B 122 7.29 12.07 -16.83
CA VAL B 122 7.80 11.93 -15.47
C VAL B 122 8.85 13.00 -15.19
N VAL B 123 9.76 13.22 -16.13
CA VAL B 123 10.76 14.28 -16.04
C VAL B 123 10.09 15.64 -15.71
N THR B 124 9.06 15.96 -16.50
CA THR B 124 8.31 17.20 -16.38
C THR B 124 7.67 17.33 -15.00
N MET B 125 7.01 16.25 -14.59
CA MET B 125 6.35 16.18 -13.30
C MET B 125 7.37 16.43 -12.17
N LEU B 126 8.54 15.79 -12.24
CA LEU B 126 9.55 15.96 -11.19
C LEU B 126 10.11 17.37 -11.20
N ASP B 127 10.41 17.87 -12.41
CA ASP B 127 10.88 19.24 -12.58
C ASP B 127 9.85 20.24 -12.06
N ASN B 128 8.57 19.89 -12.00
CA ASN B 128 7.57 20.85 -11.58
C ASN B 128 7.26 20.80 -10.07
N PHE B 129 7.60 19.72 -9.36
CA PHE B 129 7.36 19.60 -7.94
C PHE B 129 8.04 20.71 -7.14
N PRO B 130 7.35 21.30 -6.14
CA PRO B 130 7.95 22.28 -5.25
C PRO B 130 8.85 21.64 -4.20
N THR B 131 9.68 22.50 -3.54
CA THR B 131 10.66 22.06 -2.58
C THR B 131 10.00 21.65 -1.27
N ASN B 132 8.73 22.01 -1.03
CA ASN B 132 8.07 21.63 0.20
C ASN B 132 7.45 20.23 0.05
N LEU B 133 7.49 19.63 -1.13
CA LEU B 133 6.95 18.28 -1.31
C LEU B 133 8.08 17.31 -1.01
N HIS B 134 7.91 16.54 0.07
CA HIS B 134 8.93 15.64 0.60
C HIS B 134 9.49 14.74 -0.50
N PRO B 135 10.81 14.48 -0.50
CA PRO B 135 11.46 13.60 -1.46
C PRO B 135 10.80 12.23 -1.62
N MET B 136 10.28 11.62 -0.55
CA MET B 136 9.61 10.30 -0.62
C MET B 136 8.24 10.38 -1.30
N SER B 137 7.55 11.51 -1.18
CA SER B 137 6.31 11.78 -1.86
C SER B 137 6.58 11.97 -3.35
N GLN B 138 7.66 12.68 -3.69
CA GLN B 138 8.08 12.82 -5.07
C GLN B 138 8.39 11.45 -5.68
N LEU B 139 9.14 10.62 -4.96
CA LEU B 139 9.47 9.27 -5.40
C LEU B 139 8.22 8.42 -5.69
N SER B 140 7.28 8.41 -4.75
CA SER B 140 6.10 7.58 -4.88
C SER B 140 5.22 8.06 -6.04
N ALA B 141 5.04 9.38 -6.17
CA ALA B 141 4.27 9.98 -7.25
C ALA B 141 4.85 9.71 -8.63
N ALA B 142 6.17 9.81 -8.78
CA ALA B 142 6.87 9.55 -10.03
C ALA B 142 6.80 8.07 -10.42
N VAL B 143 6.96 7.15 -9.46
CA VAL B 143 6.87 5.74 -9.80
C VAL B 143 5.44 5.39 -10.25
N THR B 144 4.44 5.91 -9.55
CA THR B 144 3.05 5.70 -9.96
C THR B 144 2.85 6.17 -11.39
N ALA B 145 3.37 7.38 -11.68
CA ALA B 145 3.25 7.98 -13.01
C ALA B 145 3.97 7.14 -14.07
N LEU B 146 5.02 6.45 -13.66
CA LEU B 146 5.75 5.58 -14.58
C LEU B 146 4.89 4.40 -15.03
N ASN B 147 3.79 4.10 -14.36
CA ASN B 147 3.04 2.92 -14.72
C ASN B 147 2.40 3.11 -16.11
N SER B 148 2.49 4.30 -16.71
CA SER B 148 2.12 4.44 -18.11
C SER B 148 2.98 3.52 -18.96
N GLU B 149 4.11 3.06 -18.44
CA GLU B 149 5.01 2.23 -19.21
C GLU B 149 4.80 0.76 -18.89
N SER B 150 3.73 0.40 -18.17
CA SER B 150 3.66 -0.95 -17.63
C SER B 150 3.27 -1.92 -18.75
N ASN B 151 4.15 -2.89 -18.99
CA ASN B 151 3.89 -3.97 -19.94
C ASN B 151 2.86 -4.93 -19.35
N PHE B 152 2.90 -5.09 -18.01
CA PHE B 152 2.03 -6.03 -17.36
C PHE B 152 0.60 -5.52 -17.46
N ALA B 153 0.38 -4.24 -17.18
CA ALA B 153 -0.97 -3.70 -17.19
C ALA B 153 -1.62 -3.85 -18.60
N ARG B 154 -0.86 -3.69 -19.67
CA ARG B 154 -1.44 -3.76 -21.01
C ARG B 154 -1.76 -5.21 -21.36
N ALA B 155 -0.86 -6.12 -20.99
CA ALA B 155 -1.03 -7.50 -21.39
C ALA B 155 -2.22 -8.10 -20.64
N TYR B 156 -2.42 -7.65 -19.39
CA TYR B 156 -3.57 -8.15 -18.63
C TYR B 156 -4.88 -7.70 -19.29
N ALA B 157 -4.94 -6.45 -19.76
CA ALA B 157 -6.14 -5.99 -20.44
C ALA B 157 -6.48 -6.88 -21.66
N GLN B 158 -5.47 -7.45 -22.34
CA GLN B 158 -5.67 -8.26 -23.52
C GLN B 158 -5.77 -9.76 -23.26
N GLY B 159 -5.87 -10.18 -22.00
CA GLY B 159 -6.27 -11.54 -21.63
C GLY B 159 -5.14 -12.57 -21.65
N ILE B 160 -3.91 -12.11 -21.38
CA ILE B 160 -2.73 -12.98 -21.29
C ILE B 160 -2.95 -14.09 -20.26
N SER B 161 -2.48 -15.30 -20.57
CA SER B 161 -2.53 -16.44 -19.69
C SER B 161 -1.85 -16.15 -18.36
N ARG B 162 -2.44 -16.65 -17.27
CA ARG B 162 -1.85 -16.59 -15.93
C ARG B 162 -0.40 -17.12 -15.94
N THR B 163 -0.12 -18.14 -16.78
CA THR B 163 1.17 -18.78 -16.85
C THR B 163 2.25 -17.82 -17.34
N LYS B 164 1.87 -16.64 -17.83
CA LYS B 164 2.85 -15.68 -18.29
C LYS B 164 2.93 -14.42 -17.44
N TYR B 165 2.16 -14.31 -16.37
CA TYR B 165 2.19 -13.12 -15.56
C TYR B 165 3.63 -12.78 -15.15
N TRP B 166 4.33 -13.73 -14.54
CA TRP B 166 5.70 -13.54 -14.08
C TRP B 166 6.56 -12.89 -15.17
N GLU B 167 6.35 -13.17 -16.45
CA GLU B 167 7.21 -12.63 -17.49
C GLU B 167 7.10 -11.10 -17.61
N LEU B 168 5.88 -10.61 -17.61
CA LEU B 168 5.67 -9.19 -17.74
C LEU B 168 6.05 -8.48 -16.45
N ILE B 169 5.78 -9.12 -15.30
CA ILE B 169 6.20 -8.62 -14.00
C ILE B 169 7.72 -8.48 -14.00
N TYR B 170 8.42 -9.50 -14.49
CA TYR B 170 9.87 -9.45 -14.62
C TYR B 170 10.29 -8.24 -15.46
N GLU B 171 9.64 -8.03 -16.61
CA GLU B 171 10.03 -6.94 -17.52
C GLU B 171 9.81 -5.58 -16.85
N ASP B 172 8.65 -5.43 -16.23
CA ASP B 172 8.31 -4.18 -15.56
C ASP B 172 9.29 -3.96 -14.42
N SER B 173 9.66 -5.03 -13.70
CA SER B 173 10.49 -4.90 -12.52
C SER B 173 11.92 -4.47 -12.88
N MET B 174 12.47 -5.07 -13.93
CA MET B 174 13.76 -4.67 -14.46
C MET B 174 13.75 -3.23 -14.96
N ASP B 175 12.67 -2.84 -15.64
CA ASP B 175 12.50 -1.48 -16.11
C ASP B 175 12.49 -0.52 -14.93
N LEU B 176 11.72 -0.88 -13.88
CA LEU B 176 11.60 -0.01 -12.72
C LEU B 176 12.95 0.11 -12.02
N ILE B 177 13.57 -1.01 -11.66
CA ILE B 177 14.88 -0.98 -11.04
C ILE B 177 15.85 -0.12 -11.86
N ALA B 178 15.82 -0.21 -13.21
CA ALA B 178 16.70 0.55 -14.10
C ALA B 178 16.47 2.06 -13.98
N LYS B 179 15.23 2.48 -13.74
CA LYS B 179 14.83 3.88 -13.78
C LYS B 179 15.00 4.57 -12.42
N LEU B 180 15.06 3.77 -11.36
CA LEU B 180 14.95 4.27 -10.01
C LEU B 180 16.02 5.29 -9.73
N PRO B 181 17.30 4.95 -10.01
CA PRO B 181 18.38 5.91 -9.86
C PRO B 181 18.17 7.25 -10.58
N CYS B 182 17.58 7.21 -11.80
CA CYS B 182 17.33 8.42 -12.56
C CYS B 182 16.30 9.29 -11.85
N VAL B 183 15.20 8.67 -11.44
CA VAL B 183 14.17 9.33 -10.64
C VAL B 183 14.76 9.87 -9.34
N ALA B 184 15.39 9.01 -8.56
CA ALA B 184 16.01 9.40 -7.30
C ALA B 184 16.99 10.56 -7.48
N ALA B 185 17.79 10.54 -8.56
CA ALA B 185 18.79 11.58 -8.80
C ALA B 185 18.14 12.88 -9.26
N LYS B 186 17.05 12.83 -10.05
CA LYS B 186 16.34 14.03 -10.42
C LYS B 186 15.78 14.72 -9.17
N ILE B 187 15.20 13.93 -8.24
CA ILE B 187 14.68 14.48 -6.99
C ILE B 187 15.80 15.17 -6.25
N TYR B 188 16.92 14.48 -6.12
CA TYR B 188 18.00 15.04 -5.34
C TYR B 188 18.46 16.37 -5.96
N ARG B 189 18.72 16.37 -7.27
CA ARG B 189 19.31 17.51 -7.93
C ARG B 189 18.33 18.67 -7.96
N ASN B 190 17.03 18.37 -8.15
CA ASN B 190 16.01 19.40 -8.16
C ASN B 190 15.87 20.07 -6.79
N LEU B 191 15.95 19.29 -5.71
CA LEU B 191 15.81 19.84 -4.37
C LEU B 191 17.09 20.49 -3.89
N TYR B 192 18.24 19.84 -4.12
CA TYR B 192 19.43 20.19 -3.38
C TYR B 192 20.52 20.75 -4.28
N ARG B 193 20.29 20.87 -5.60
CA ARG B 193 21.30 21.40 -6.51
C ARG B 193 20.66 22.23 -7.63
N GLU B 194 19.61 22.98 -7.29
CA GLU B 194 19.08 24.03 -8.15
C GLU B 194 18.61 23.52 -9.51
N GLY B 195 18.18 22.25 -9.60
CA GLY B 195 17.52 21.78 -10.81
C GLY B 195 18.50 21.45 -11.94
N SER B 196 19.80 21.40 -11.62
CA SER B 196 20.79 20.96 -12.60
C SER B 196 20.48 19.54 -13.05
N GLY B 197 20.96 19.18 -14.25
CA GLY B 197 20.64 17.92 -14.91
C GLY B 197 21.40 16.71 -14.36
N ILE B 198 20.81 15.51 -14.57
CA ILE B 198 21.39 14.28 -14.03
C ILE B 198 22.52 13.74 -14.93
N GLY B 199 22.62 14.26 -16.15
CA GLY B 199 23.63 13.78 -17.07
C GLY B 199 23.21 12.45 -17.67
N ALA B 200 24.17 11.70 -18.20
CA ALA B 200 23.82 10.53 -18.98
C ALA B 200 24.10 9.27 -18.18
N ILE B 201 23.43 8.20 -18.59
CA ILE B 201 23.79 6.85 -18.18
C ILE B 201 25.04 6.44 -18.96
N ASP B 202 25.92 5.68 -18.31
CA ASP B 202 27.00 5.03 -19.02
C ASP B 202 26.71 3.54 -19.12
N SER B 203 26.57 3.10 -20.38
CA SER B 203 26.24 1.74 -20.76
C SER B 203 27.17 0.72 -20.09
N ASN B 204 28.35 1.14 -19.61
CA ASN B 204 29.32 0.19 -19.08
C ASN B 204 29.65 0.39 -17.61
N LEU B 205 28.85 1.20 -16.88
CA LEU B 205 29.03 1.27 -15.43
C LEU B 205 28.02 0.38 -14.68
N ASP B 206 28.34 0.03 -13.44
CA ASP B 206 27.36 -0.60 -12.59
C ASP B 206 26.31 0.42 -12.12
N TRP B 207 25.11 -0.10 -11.80
CA TRP B 207 23.94 0.64 -11.33
C TRP B 207 24.29 1.73 -10.30
N SER B 208 25.02 1.32 -9.24
CA SER B 208 25.45 2.16 -8.13
C SER B 208 26.32 3.34 -8.60
N HIS B 209 27.17 3.12 -9.61
CA HIS B 209 28.08 4.14 -10.09
C HIS B 209 27.33 5.09 -11.01
N ASN B 210 26.42 4.55 -11.83
CA ASN B 210 25.52 5.41 -12.59
C ASN B 210 24.73 6.27 -11.61
N PHE B 211 24.30 5.65 -10.49
CA PHE B 211 23.53 6.37 -9.48
C PHE B 211 24.34 7.54 -8.91
N THR B 212 25.56 7.29 -8.42
CA THR B 212 26.32 8.36 -7.79
C THR B 212 26.74 9.39 -8.84
N ASN B 213 26.95 8.98 -10.11
CA ASN B 213 27.22 9.96 -11.17
C ASN B 213 26.08 10.96 -11.30
N MET B 214 24.85 10.44 -11.32
CA MET B 214 23.68 11.25 -11.57
C MET B 214 23.36 12.11 -10.36
N LEU B 215 23.72 11.65 -9.16
CA LEU B 215 23.59 12.46 -7.96
C LEU B 215 24.59 13.63 -7.96
N GLY B 216 25.65 13.54 -8.78
CA GLY B 216 26.67 14.58 -8.89
C GLY B 216 27.90 14.34 -8.00
N TYR B 217 28.08 13.11 -7.50
CA TYR B 217 29.20 12.74 -6.67
C TYR B 217 30.29 12.13 -7.56
N THR B 218 31.56 12.31 -7.14
CA THR B 218 32.69 11.69 -7.82
C THR B 218 33.71 11.34 -6.75
N ASP B 219 33.54 10.16 -6.17
CA ASP B 219 34.26 9.76 -4.99
C ASP B 219 34.11 8.25 -4.93
N HIS B 220 35.21 7.56 -5.20
CA HIS B 220 35.22 6.12 -5.29
C HIS B 220 34.64 5.55 -4.00
N GLN B 221 34.99 6.13 -2.87
CA GLN B 221 34.64 5.49 -1.61
C GLN B 221 33.14 5.66 -1.36
N PHE B 222 32.58 6.79 -1.80
CA PHE B 222 31.13 7.04 -1.74
C PHE B 222 30.42 6.03 -2.63
N THR B 223 30.92 5.79 -3.86
CA THR B 223 30.28 4.82 -4.72
C THR B 223 30.35 3.44 -4.05
N GLU B 224 31.46 3.16 -3.35
CA GLU B 224 31.66 1.87 -2.66
C GLU B 224 30.65 1.73 -1.52
N LEU B 225 30.40 2.82 -0.77
CA LEU B 225 29.42 2.80 0.29
C LEU B 225 28.03 2.58 -0.28
N THR B 226 27.73 3.22 -1.43
CA THR B 226 26.42 3.09 -2.05
C THR B 226 26.17 1.63 -2.43
N ARG B 227 27.19 1.01 -3.06
CA ARG B 227 27.15 -0.42 -3.38
C ARG B 227 26.81 -1.25 -2.14
N LEU B 228 27.54 -1.07 -1.07
CA LEU B 228 27.25 -1.81 0.15
C LEU B 228 25.83 -1.45 0.65
N TYR B 229 25.48 -0.16 0.65
CA TYR B 229 24.25 0.30 1.28
C TYR B 229 23.05 -0.30 0.55
N LEU B 230 23.09 -0.26 -0.79
CA LEU B 230 22.01 -0.75 -1.62
C LEU B 230 21.89 -2.26 -1.49
N THR B 231 23.00 -2.95 -1.21
CA THR B 231 22.97 -4.38 -1.02
C THR B 231 22.29 -4.72 0.31
N ILE B 232 22.64 -4.07 1.41
CA ILE B 232 22.23 -4.57 2.72
C ILE B 232 20.82 -4.15 3.11
N HIS B 233 20.29 -3.07 2.53
CA HIS B 233 18.91 -2.66 2.83
C HIS B 233 17.87 -3.32 1.91
N SER B 234 18.31 -4.26 1.06
CA SER B 234 17.58 -4.68 -0.13
C SER B 234 16.30 -5.45 0.24
N ASP B 235 16.35 -6.25 1.30
CA ASP B 235 15.21 -7.07 1.71
C ASP B 235 15.31 -7.40 3.19
N HIS B 236 14.17 -7.50 3.84
CA HIS B 236 14.15 -7.83 5.25
C HIS B 236 12.89 -8.62 5.61
N GLU B 237 12.69 -9.75 4.94
CA GLU B 237 11.51 -10.59 5.12
C GLU B 237 10.28 -9.87 4.54
N GLY B 238 9.10 -10.47 4.75
CA GLY B 238 7.89 -10.04 4.10
C GLY B 238 7.05 -9.13 4.96
N GLY B 239 7.32 -9.10 6.28
CA GLY B 239 6.36 -8.57 7.24
C GLY B 239 6.57 -7.09 7.50
N ASN B 240 7.70 -6.56 7.03
CA ASN B 240 7.95 -5.14 7.17
C ASN B 240 6.93 -4.43 6.28
N VAL B 241 6.62 -3.19 6.63
CA VAL B 241 5.51 -2.49 6.04
C VAL B 241 5.75 -2.30 4.55
N SER B 242 6.97 -2.00 4.13
CA SER B 242 7.19 -1.75 2.70
C SER B 242 7.06 -3.04 1.89
N ALA B 243 7.64 -4.14 2.38
CA ALA B 243 7.53 -5.40 1.68
C ALA B 243 6.08 -5.86 1.68
N HIS B 244 5.42 -5.81 2.83
CA HIS B 244 4.05 -6.30 2.90
C HIS B 244 3.11 -5.46 2.03
N THR B 245 3.24 -4.13 2.06
CA THR B 245 2.45 -3.31 1.16
C THR B 245 2.66 -3.80 -0.26
N SER B 246 3.91 -4.07 -0.69
CA SER B 246 4.14 -4.38 -2.09
C SER B 246 3.49 -5.72 -2.38
N HIS B 247 3.46 -6.57 -1.37
CA HIS B 247 2.97 -7.91 -1.50
C HIS B 247 1.45 -7.86 -1.70
N LEU B 248 0.84 -7.02 -0.88
CA LEU B 248 -0.60 -6.91 -0.79
C LEU B 248 -1.17 -6.26 -2.04
N VAL B 249 -0.58 -5.12 -2.44
CA VAL B 249 -1.02 -4.41 -3.61
C VAL B 249 -0.75 -5.27 -4.84
N GLY B 250 0.42 -5.91 -4.88
CA GLY B 250 0.76 -6.80 -5.97
C GLY B 250 -0.22 -7.98 -6.12
N SER B 251 -0.75 -8.51 -5.02
CA SER B 251 -1.66 -9.64 -5.03
C SER B 251 -2.99 -9.29 -5.71
N ALA B 252 -3.33 -8.02 -5.83
CA ALA B 252 -4.48 -7.63 -6.65
C ALA B 252 -4.09 -7.53 -8.13
N LEU B 253 -2.83 -7.85 -8.48
CA LEU B 253 -2.34 -7.84 -9.85
C LEU B 253 -2.12 -6.40 -10.31
N SER B 254 -1.99 -5.46 -9.37
CA SER B 254 -1.40 -4.17 -9.68
C SER B 254 0.03 -4.39 -10.14
N ASP B 255 0.47 -3.63 -11.13
CA ASP B 255 1.77 -3.83 -11.75
C ASP B 255 2.92 -3.38 -10.83
N PRO B 256 4.20 -3.69 -11.16
CA PRO B 256 5.27 -3.38 -10.26
C PRO B 256 5.34 -1.88 -9.91
N TYR B 257 4.99 -0.99 -10.83
CA TYR B 257 5.10 0.43 -10.53
C TYR B 257 4.12 0.81 -9.41
N LEU B 258 2.85 0.43 -9.57
CA LEU B 258 1.89 0.74 -8.52
C LEU B 258 2.26 0.08 -7.18
N SER B 259 2.65 -1.21 -7.20
CA SER B 259 3.02 -1.96 -5.98
C SER B 259 4.19 -1.31 -5.26
N PHE B 260 5.17 -0.85 -6.04
CA PHE B 260 6.36 -0.28 -5.45
C PHE B 260 6.02 1.11 -4.91
N ALA B 261 5.23 1.88 -5.66
CA ALA B 261 4.93 3.23 -5.16
C ALA B 261 4.13 3.13 -3.85
N ALA B 262 3.21 2.18 -3.76
CA ALA B 262 2.46 1.99 -2.51
C ALA B 262 3.44 1.67 -1.42
N ALA B 263 4.39 0.77 -1.71
CA ALA B 263 5.43 0.43 -0.73
C ALA B 263 6.19 1.65 -0.23
N MET B 264 6.47 2.60 -1.10
CA MET B 264 7.23 3.77 -0.73
C MET B 264 6.42 4.68 0.18
N ASN B 265 5.12 4.74 -0.04
CA ASN B 265 4.23 5.40 0.91
C ASN B 265 4.27 4.73 2.28
N GLY B 266 4.42 3.41 2.33
CA GLY B 266 4.57 2.72 3.58
C GLY B 266 5.94 2.99 4.22
N LEU B 267 6.99 2.94 3.40
CA LEU B 267 8.34 3.28 3.86
C LEU B 267 8.45 4.71 4.38
N ALA B 268 7.56 5.60 3.92
CA ALA B 268 7.64 7.02 4.23
C ALA B 268 7.15 7.25 5.64
N GLY B 269 6.51 6.23 6.22
CA GLY B 269 5.93 6.34 7.54
C GLY B 269 7.01 6.50 8.61
N PRO B 270 6.85 7.39 9.60
CA PRO B 270 7.86 7.51 10.66
C PRO B 270 8.24 6.22 11.42
N LEU B 271 7.32 5.27 11.58
CA LEU B 271 7.70 4.04 12.27
C LEU B 271 8.32 2.98 11.35
N HIS B 272 8.61 3.35 10.09
CA HIS B 272 9.32 2.49 9.16
C HIS B 272 10.64 3.15 8.67
N GLY B 273 10.55 4.28 7.98
CA GLY B 273 11.66 4.72 7.16
C GLY B 273 12.48 5.89 7.73
N LEU B 274 12.17 6.39 8.94
CA LEU B 274 12.78 7.62 9.44
C LEU B 274 13.82 7.38 10.54
N ALA B 275 14.18 6.13 10.79
CA ALA B 275 15.07 5.81 11.91
C ALA B 275 16.46 6.38 11.66
N ASN B 276 16.88 6.41 10.38
CA ASN B 276 18.19 6.89 9.97
C ASN B 276 18.39 8.33 10.44
N GLN B 277 17.41 9.17 10.15
CA GLN B 277 17.48 10.60 10.41
C GLN B 277 17.44 10.92 11.91
N GLU B 278 16.51 10.28 12.63
CA GLU B 278 16.45 10.37 14.09
C GLU B 278 17.84 10.26 14.72
N VAL B 279 18.54 9.16 14.39
CA VAL B 279 19.85 8.88 14.93
C VAL B 279 20.79 10.05 14.63
N LEU B 280 20.86 10.53 13.39
CA LEU B 280 21.87 11.50 13.02
C LEU B 280 21.59 12.86 13.68
N VAL B 281 20.31 13.17 13.91
CA VAL B 281 19.94 14.40 14.60
C VAL B 281 20.49 14.36 16.02
N TRP B 282 20.30 13.19 16.64
CA TRP B 282 20.72 12.89 18.00
C TRP B 282 22.24 12.99 18.12
N LEU B 283 22.99 12.31 17.23
CA LEU B 283 24.45 12.35 17.25
C LEU B 283 24.98 13.78 17.09
N THR B 284 24.43 14.53 16.13
CA THR B 284 24.78 15.94 15.94
C THR B 284 24.52 16.70 17.25
N GLN B 285 23.33 16.47 17.82
CA GLN B 285 22.89 17.09 19.06
C GLN B 285 23.80 16.70 20.23
N LEU B 286 24.31 15.46 20.21
CA LEU B 286 25.18 14.94 21.25
C LEU B 286 26.52 15.69 21.26
N GLN B 287 27.02 16.10 20.08
CA GLN B 287 28.13 17.03 20.03
C GLN B 287 27.61 18.46 20.15
N LYS B 288 26.69 18.67 21.10
CA LYS B 288 26.41 19.98 21.68
C LYS B 288 27.27 20.12 22.93
N GLU B 289 27.00 19.24 23.90
CA GLU B 289 27.59 19.29 25.21
C GLU B 289 28.92 18.54 25.19
N VAL B 290 28.86 17.27 24.80
CA VAL B 290 30.06 16.39 24.73
C VAL B 290 31.28 17.08 24.13
N GLY B 291 31.17 17.77 23.00
CA GLY B 291 32.43 18.21 22.34
C GLY B 291 32.99 17.01 21.57
N LYS B 292 34.32 16.86 21.46
CA LYS B 292 34.87 15.63 20.80
C LYS B 292 35.63 14.82 21.88
N ASP B 293 34.93 14.01 22.69
CA ASP B 293 35.49 13.13 23.77
C ASP B 293 34.57 13.15 25.00
N VAL B 294 34.17 11.90 25.43
CA VAL B 294 33.33 11.93 26.68
C VAL B 294 33.33 10.58 27.42
N SER B 295 32.14 10.34 28.16
CA SER B 295 32.09 9.17 29.04
C SER B 295 30.71 8.54 28.95
N ASP B 296 30.50 7.52 29.80
CA ASP B 296 29.22 6.84 29.89
C ASP B 296 28.26 7.60 30.80
N GLU B 297 28.75 8.39 31.77
CA GLU B 297 27.86 9.26 32.53
C GLU B 297 27.11 10.14 31.54
N LYS B 298 27.91 10.85 30.74
CA LYS B 298 27.43 11.59 29.60
C LYS B 298 26.33 10.77 28.90
N LEU B 299 26.64 9.48 28.65
CA LEU B 299 25.76 8.58 27.92
C LEU B 299 24.66 8.04 28.84
N ARG B 300 25.01 7.19 29.83
CA ARG B 300 23.93 6.59 30.68
C ARG B 300 22.97 7.67 31.18
N ASP B 301 23.43 9.05 31.29
CA ASP B 301 22.41 9.93 31.90
C ASP B 301 21.19 9.86 30.99
N TYR B 302 21.36 10.48 29.64
CA TYR B 302 20.23 10.39 28.72
C TYR B 302 19.71 8.96 28.69
N ILE B 303 20.61 8.00 28.46
CA ILE B 303 20.27 6.59 28.40
C ILE B 303 19.21 6.28 29.47
N TRP B 304 19.42 6.74 30.71
CA TRP B 304 18.45 6.62 31.82
C TRP B 304 17.55 7.85 31.88
N ASN B 305 18.13 9.03 31.63
CA ASN B 305 17.38 10.28 31.63
C ASN B 305 16.54 10.43 30.36
N THR B 306 16.52 9.39 29.51
CA THR B 306 15.73 9.37 28.28
C THR B 306 14.86 8.12 28.25
N LEU B 307 15.49 6.93 28.38
CA LEU B 307 14.77 5.66 28.39
C LEU B 307 13.85 5.59 29.61
N ASN B 308 14.32 6.09 30.76
CA ASN B 308 13.49 6.19 31.96
C ASN B 308 12.73 7.51 31.97
N SER B 309 13.09 8.46 31.08
CA SER B 309 12.34 9.70 30.91
C SER B 309 11.09 9.46 30.06
N GLY B 310 11.28 8.71 28.95
CA GLY B 310 10.16 8.45 28.02
C GLY B 310 10.65 7.95 26.66
N ARG B 311 11.65 8.60 26.06
CA ARG B 311 12.13 8.22 24.71
C ARG B 311 13.19 7.11 24.72
N VAL B 312 14.33 7.22 24.00
CA VAL B 312 15.17 6.06 23.69
C VAL B 312 16.57 6.52 23.27
N VAL B 313 17.52 5.69 23.33
CA VAL B 313 18.80 5.88 22.65
C VAL B 313 18.62 5.44 21.20
N PRO B 314 18.42 6.39 20.24
CA PRO B 314 18.00 6.00 18.89
C PRO B 314 18.96 5.00 18.22
N GLY B 315 18.37 3.92 17.71
CA GLY B 315 19.08 2.90 16.96
C GLY B 315 19.56 1.74 17.83
N TYR B 316 18.74 1.34 18.83
CA TYR B 316 19.04 0.22 19.71
C TYR B 316 17.77 -0.56 20.09
N GLY B 317 16.95 -0.96 19.10
CA GLY B 317 15.76 -1.79 19.28
C GLY B 317 15.38 -2.48 17.96
N HIS B 318 14.52 -3.63 18.09
CA HIS B 318 13.79 -3.85 16.83
C HIS B 318 12.40 -4.42 17.11
N ALA B 319 11.59 -4.73 15.82
CA ALA B 319 10.31 -5.41 15.87
C ALA B 319 10.46 -6.93 16.02
N VAL B 320 11.70 -7.53 15.22
CA VAL B 320 11.83 -8.96 15.66
C VAL B 320 13.29 -9.40 15.88
N LEU B 321 14.28 -8.51 15.66
CA LEU B 321 15.70 -8.87 15.72
C LEU B 321 16.12 -9.18 17.16
N ARG B 322 17.42 -9.46 17.33
CA ARG B 322 17.95 -9.85 18.65
C ARG B 322 19.48 -10.08 18.59
N LYS B 323 20.26 -9.05 18.26
CA LYS B 323 21.76 -9.12 18.25
C LYS B 323 22.29 -8.00 17.37
N THR B 324 23.55 -7.63 17.57
CA THR B 324 24.17 -6.57 16.73
C THR B 324 23.90 -6.90 15.28
N ASP B 325 23.02 -6.12 14.66
CA ASP B 325 22.67 -6.30 13.25
C ASP B 325 23.96 -6.41 12.43
N PRO B 326 24.12 -7.49 11.63
CA PRO B 326 25.21 -7.56 10.65
C PRO B 326 25.23 -6.33 9.74
N ARG B 327 24.06 -5.72 9.54
CA ARG B 327 23.94 -4.54 8.69
C ARG B 327 24.71 -3.36 9.30
N TYR B 328 24.83 -3.30 10.64
CA TYR B 328 25.68 -2.32 11.33
C TYR B 328 27.17 -2.64 11.19
N THR B 329 27.54 -3.89 11.51
CA THR B 329 28.92 -4.35 11.45
C THR B 329 29.51 -4.02 10.08
N CYS B 330 28.74 -4.32 9.01
CA CYS B 330 29.01 -3.91 7.65
C CYS B 330 29.60 -2.49 7.54
N GLN B 331 28.87 -1.52 8.06
CA GLN B 331 29.23 -0.12 7.88
C GLN B 331 30.43 0.20 8.79
N ARG B 332 30.47 -0.41 9.98
CA ARG B 332 31.55 -0.18 10.94
C ARG B 332 32.92 -0.57 10.35
N GLU B 333 33.01 -1.80 9.84
CA GLU B 333 34.20 -2.24 9.11
C GLU B 333 34.52 -1.26 7.98
N PHE B 334 33.46 -0.76 7.33
CA PHE B 334 33.64 0.15 6.22
C PHE B 334 34.34 1.42 6.73
N ALA B 335 33.83 1.93 7.85
CA ALA B 335 34.26 3.21 8.38
C ALA B 335 35.67 3.11 8.98
N LEU B 336 35.95 1.97 9.62
CA LEU B 336 37.24 1.72 10.24
C LEU B 336 38.32 1.69 9.15
N LYS B 337 38.00 1.13 7.98
CA LYS B 337 38.94 1.14 6.88
C LYS B 337 39.13 2.54 6.31
N HIS B 338 38.05 3.31 6.13
CA HIS B 338 38.06 4.37 5.13
C HIS B 338 37.97 5.77 5.74
N LEU B 339 37.47 5.88 6.97
CA LEU B 339 37.33 7.18 7.62
C LEU B 339 37.55 7.00 9.11
N PRO B 340 38.70 6.44 9.56
CA PRO B 340 38.91 6.28 11.00
C PRO B 340 39.00 7.61 11.78
N ASN B 341 39.39 8.71 11.10
CA ASN B 341 39.69 9.96 11.77
C ASN B 341 38.49 10.91 11.87
N ASP B 342 37.33 10.49 11.33
CA ASP B 342 36.13 11.31 11.32
C ASP B 342 35.56 11.42 12.75
N PRO B 343 35.35 12.65 13.28
CA PRO B 343 34.72 12.84 14.60
C PRO B 343 33.43 12.05 14.87
N MET B 344 32.44 12.15 13.96
CA MET B 344 31.13 11.54 14.19
C MET B 344 31.23 10.01 14.17
N PHE B 345 31.93 9.47 13.18
CA PHE B 345 32.17 8.04 13.18
C PHE B 345 32.79 7.69 14.54
N LYS B 346 33.83 8.43 14.94
CA LYS B 346 34.51 8.16 16.21
C LYS B 346 33.51 8.13 17.37
N LEU B 347 32.55 9.07 17.37
CA LEU B 347 31.50 9.10 18.38
C LEU B 347 30.66 7.84 18.26
N VAL B 348 30.37 7.45 17.02
CA VAL B 348 29.52 6.29 16.83
C VAL B 348 30.27 5.05 17.31
N ALA B 349 31.58 4.98 17.04
CA ALA B 349 32.43 3.91 17.56
C ALA B 349 32.46 3.88 19.10
N GLN B 350 32.41 5.07 19.74
CA GLN B 350 32.38 5.18 21.20
C GLN B 350 31.05 4.69 21.76
N LEU B 351 29.96 4.95 21.05
CA LEU B 351 28.64 4.60 21.52
C LEU B 351 28.43 3.10 21.46
N TYR B 352 29.29 2.39 20.73
CA TYR B 352 29.14 0.95 20.57
C TYR B 352 29.75 0.18 21.75
N LYS B 353 30.39 0.88 22.69
CA LYS B 353 30.84 0.22 23.92
C LYS B 353 29.81 0.44 25.01
N ILE B 354 29.31 1.68 25.10
CA ILE B 354 28.63 2.18 26.29
C ILE B 354 27.16 1.78 26.31
N VAL B 355 26.37 2.22 25.33
CA VAL B 355 24.93 2.02 25.36
C VAL B 355 24.62 0.53 25.57
N PRO B 356 25.46 -0.39 25.02
CA PRO B 356 25.45 -1.79 25.47
C PRO B 356 26.04 -1.97 26.87
N ASN B 357 25.54 -1.14 27.80
CA ASN B 357 25.88 -1.30 29.24
C ASN B 357 24.83 -2.27 29.78
N VAL B 358 24.37 -3.20 29.13
CA VAL B 358 23.18 -4.08 29.33
C VAL B 358 22.00 -3.17 29.73
N LEU B 359 21.34 -2.55 28.75
CA LEU B 359 20.18 -1.66 29.04
C LEU B 359 18.96 -2.51 29.46
N LEU B 360 19.17 -3.82 29.65
CA LEU B 360 18.08 -4.73 30.10
C LEU B 360 17.69 -4.37 31.55
N GLU B 361 18.44 -3.48 32.20
CA GLU B 361 18.07 -3.02 33.56
C GLU B 361 16.59 -2.60 33.53
N GLN B 362 16.22 -1.76 32.54
CA GLN B 362 14.81 -1.34 32.41
C GLN B 362 13.96 -2.53 31.93
N GLY B 363 14.54 -3.41 31.12
CA GLY B 363 13.79 -4.57 30.67
C GLY B 363 12.81 -4.25 29.54
N LYS B 364 12.97 -3.07 28.92
CA LYS B 364 11.99 -2.54 27.97
C LYS B 364 12.65 -2.32 26.61
N ALA B 365 12.73 -3.40 25.80
CA ALA B 365 13.34 -3.34 24.43
C ALA B 365 13.58 -4.76 23.93
N LYS B 366 14.14 -5.62 24.78
CA LYS B 366 14.51 -7.01 24.36
C LYS B 366 15.55 -6.91 23.23
N ASN B 367 16.37 -5.85 23.24
CA ASN B 367 17.41 -5.67 22.19
C ASN B 367 18.41 -4.60 22.65
N PRO B 368 19.54 -4.97 23.29
CA PRO B 368 20.58 -3.99 23.67
C PRO B 368 21.70 -3.70 22.67
N TRP B 369 21.45 -3.95 21.38
CA TRP B 369 22.48 -3.90 20.33
C TRP B 369 22.04 -2.97 19.20
N PRO B 370 22.99 -2.33 18.48
CA PRO B 370 22.63 -1.31 17.49
C PRO B 370 22.07 -1.95 16.23
N ASN B 371 21.03 -1.34 15.65
CA ASN B 371 20.46 -1.81 14.39
C ASN B 371 21.17 -1.13 13.21
N VAL B 372 20.68 -1.41 11.99
CA VAL B 372 21.23 -0.86 10.76
C VAL B 372 21.33 0.67 10.88
N ASP B 373 20.22 1.31 11.28
CA ASP B 373 20.00 2.76 11.21
C ASP B 373 20.96 3.57 12.09
N ALA B 374 21.62 2.91 13.05
CA ALA B 374 22.56 3.55 13.95
C ALA B 374 23.79 4.06 13.21
N HIS B 375 24.15 3.43 12.09
CA HIS B 375 25.44 3.68 11.46
C HIS B 375 25.27 4.45 10.16
N SER B 376 24.06 4.50 9.59
CA SER B 376 23.95 4.84 8.19
C SER B 376 24.24 6.32 7.96
N GLY B 377 23.61 7.20 8.76
CA GLY B 377 23.67 8.65 8.60
C GLY B 377 25.05 9.28 8.70
N VAL B 378 25.85 8.89 9.70
CA VAL B 378 27.21 9.38 9.79
C VAL B 378 27.98 9.15 8.49
N LEU B 379 27.83 7.97 7.88
CA LEU B 379 28.60 7.67 6.70
C LEU B 379 28.15 8.52 5.53
N LEU B 380 26.82 8.62 5.40
CA LEU B 380 26.25 9.49 4.37
C LEU B 380 26.76 10.92 4.54
N GLN B 381 26.64 11.46 5.76
CA GLN B 381 27.07 12.83 6.01
C GLN B 381 28.57 13.00 5.69
N TYR B 382 29.40 12.03 6.05
CA TYR B 382 30.85 12.11 5.84
C TYR B 382 31.16 12.34 4.38
N TYR B 383 30.41 11.66 3.51
CA TYR B 383 30.63 11.75 2.07
C TYR B 383 29.94 12.96 1.47
N GLY B 384 29.27 13.78 2.29
CA GLY B 384 28.75 15.06 1.81
C GLY B 384 27.24 15.03 1.46
N MET B 385 26.61 13.87 1.66
CA MET B 385 25.19 13.63 1.56
C MET B 385 24.52 14.02 2.89
N THR B 386 24.25 15.32 3.04
CA THR B 386 23.80 15.89 4.31
C THR B 386 22.27 16.10 4.37
N GLU B 387 21.55 15.91 3.27
CA GLU B 387 20.13 16.28 3.23
C GLU B 387 19.28 15.13 3.76
N MET B 388 19.08 15.15 5.08
CA MET B 388 18.56 13.97 5.77
C MET B 388 17.15 13.59 5.27
N ASN B 389 16.40 14.58 4.80
CA ASN B 389 15.09 14.33 4.28
C ASN B 389 15.17 13.32 3.15
N TYR B 390 16.35 13.18 2.54
CA TYR B 390 16.53 12.37 1.35
C TYR B 390 16.91 10.92 1.66
N TYR B 391 17.30 10.63 2.90
CA TYR B 391 17.90 9.35 3.25
C TYR B 391 16.94 8.19 2.99
N THR B 392 15.65 8.39 3.26
CA THR B 392 14.73 7.29 3.04
C THR B 392 14.54 6.94 1.56
N VAL B 393 14.84 7.88 0.63
CA VAL B 393 14.86 7.59 -0.80
C VAL B 393 15.91 6.52 -1.12
N LEU B 394 17.07 6.65 -0.50
CA LEU B 394 18.13 5.68 -0.68
C LEU B 394 17.65 4.31 -0.20
N PHE B 395 17.00 4.27 0.95
CA PHE B 395 16.45 3.03 1.48
C PHE B 395 15.46 2.46 0.47
N GLY B 396 14.61 3.31 -0.13
CA GLY B 396 13.61 2.87 -1.10
C GLY B 396 14.24 2.21 -2.33
N VAL B 397 15.22 2.89 -2.92
CA VAL B 397 15.92 2.40 -4.09
C VAL B 397 16.48 1.01 -3.79
N SER B 398 17.01 0.80 -2.60
CA SER B 398 17.55 -0.48 -2.19
C SER B 398 16.44 -1.52 -2.08
N ARG B 399 15.36 -1.13 -1.40
CA ARG B 399 14.31 -2.07 -1.08
C ARG B 399 13.61 -2.58 -2.34
N ALA B 400 13.68 -1.77 -3.38
CA ALA B 400 13.19 -2.21 -4.68
C ALA B 400 13.72 -3.61 -5.04
N LEU B 401 14.98 -3.88 -4.71
CA LEU B 401 15.60 -5.12 -5.16
C LEU B 401 14.88 -6.30 -4.53
N GLY B 402 14.60 -6.16 -3.23
CA GLY B 402 13.96 -7.22 -2.47
C GLY B 402 12.52 -7.45 -2.88
N VAL B 403 11.71 -6.38 -2.88
CA VAL B 403 10.29 -6.55 -3.02
C VAL B 403 9.95 -6.93 -4.47
N LEU B 404 10.74 -6.48 -5.45
CA LEU B 404 10.53 -6.85 -6.85
C LEU B 404 10.98 -8.29 -7.12
N ALA B 405 12.09 -8.72 -6.53
CA ALA B 405 12.48 -10.10 -6.66
C ALA B 405 11.35 -10.97 -6.14
N GLN B 406 10.75 -10.60 -4.99
CA GLN B 406 9.65 -11.42 -4.47
C GLN B 406 8.40 -11.27 -5.37
N LEU B 407 8.13 -10.09 -5.90
CA LEU B 407 6.92 -9.91 -6.71
C LEU B 407 6.89 -10.85 -7.92
N ILE B 408 8.04 -11.02 -8.56
CA ILE B 408 8.20 -11.92 -9.69
C ILE B 408 7.80 -13.33 -9.24
N TRP B 409 8.32 -13.74 -8.09
CA TRP B 409 8.05 -15.08 -7.58
C TRP B 409 6.59 -15.22 -7.16
N SER B 410 5.98 -14.20 -6.56
CA SER B 410 4.59 -14.30 -6.12
C SER B 410 3.70 -14.63 -7.33
N ARG B 411 3.97 -13.98 -8.46
CA ARG B 411 3.17 -14.20 -9.65
C ARG B 411 3.54 -15.52 -10.31
N ALA B 412 4.84 -15.84 -10.36
CA ALA B 412 5.28 -17.12 -10.89
C ALA B 412 4.56 -18.26 -10.18
N LEU B 413 4.42 -18.13 -8.85
CA LEU B 413 3.88 -19.16 -7.99
C LEU B 413 2.37 -19.04 -7.82
N GLY B 414 1.75 -18.05 -8.47
CA GLY B 414 0.29 -17.96 -8.51
C GLY B 414 -0.31 -17.59 -7.16
N PHE B 415 0.44 -16.91 -6.28
CA PHE B 415 -0.09 -16.37 -5.03
C PHE B 415 -1.38 -15.60 -5.28
N PRO B 416 -2.48 -15.86 -4.52
CA PRO B 416 -3.75 -15.18 -4.73
C PRO B 416 -3.81 -13.82 -4.03
N LEU B 417 -4.95 -13.17 -4.19
CA LEU B 417 -5.27 -11.92 -3.53
C LEU B 417 -5.15 -12.08 -2.02
N GLU B 418 -4.44 -11.16 -1.37
CA GLU B 418 -4.43 -11.13 0.08
C GLU B 418 -5.71 -10.46 0.55
N ARG B 419 -6.48 -11.17 1.36
CA ARG B 419 -7.81 -10.76 1.78
C ARG B 419 -8.09 -11.48 3.09
N PRO B 420 -7.57 -11.01 4.24
CA PRO B 420 -7.92 -11.59 5.54
C PRO B 420 -9.32 -11.13 5.93
N LYS B 421 -9.82 -11.69 7.03
CA LYS B 421 -11.11 -11.31 7.58
C LYS B 421 -10.87 -10.27 8.68
N SER B 422 -11.63 -9.18 8.68
CA SER B 422 -11.59 -8.24 9.78
C SER B 422 -12.79 -8.48 10.68
N MET B 423 -12.73 -7.95 11.90
CA MET B 423 -13.83 -7.94 12.85
C MET B 423 -13.80 -6.61 13.58
N SER B 424 -14.98 -6.15 14.00
CA SER B 424 -15.08 -5.04 14.92
C SER B 424 -14.88 -5.49 16.37
N THR B 425 -14.67 -4.52 17.25
CA THR B 425 -14.63 -4.80 18.67
C THR B 425 -15.96 -5.43 19.09
N GLU B 426 -17.07 -4.78 18.69
CA GLU B 426 -18.39 -5.30 18.97
C GLU B 426 -18.46 -6.74 18.49
N GLY B 427 -18.13 -6.96 17.21
CA GLY B 427 -18.13 -8.30 16.64
C GLY B 427 -17.29 -9.29 17.42
N LEU B 428 -16.08 -8.89 17.82
CA LEU B 428 -15.17 -9.78 18.51
C LEU B 428 -15.72 -10.15 19.87
N MET B 429 -16.30 -9.17 20.57
CA MET B 429 -16.90 -9.39 21.89
C MET B 429 -17.97 -10.47 21.81
N LYS B 430 -18.77 -10.45 20.75
CA LYS B 430 -19.84 -11.43 20.60
C LYS B 430 -19.28 -12.78 20.17
N PHE B 431 -18.22 -12.76 19.35
CA PHE B 431 -17.63 -13.98 18.85
C PHE B 431 -17.04 -14.80 20.00
N VAL B 432 -16.50 -14.12 21.03
CA VAL B 432 -15.75 -14.80 22.09
C VAL B 432 -16.69 -15.37 23.15
N ASP B 433 -17.86 -14.76 23.34
CA ASP B 433 -18.83 -15.27 24.30
C ASP B 433 -19.22 -16.70 23.92
N SER B 434 -19.57 -16.89 22.64
CA SER B 434 -19.74 -18.20 22.04
C SER B 434 -18.37 -18.92 21.92
N1A COA C . -18.51 -17.72 -12.82
C2A COA C . -17.94 -18.92 -12.92
N3A COA C . -17.22 -19.60 -12.04
C4A COA C . -17.08 -18.90 -10.90
C5A COA C . -17.61 -17.65 -10.63
C6A COA C . -18.36 -17.04 -11.65
N6A COA C . -18.93 -15.83 -11.54
N7A COA C . -17.25 -17.25 -9.35
C8A COA C . -16.53 -18.24 -8.87
N9A COA C . -16.41 -19.28 -9.77
C1B COA C . -15.62 -20.51 -9.60
C2B COA C . -14.21 -20.25 -9.09
O2B COA C . -13.33 -19.82 -10.11
C3B COA C . -13.88 -21.63 -8.55
O3B COA C . -13.58 -22.47 -9.66
P3B COA C . -12.31 -23.48 -9.55
O7A COA C . -11.00 -22.73 -9.77
O8A COA C . -12.62 -24.45 -10.69
O9A COA C . -12.37 -24.14 -8.18
C4B COA C . -15.19 -22.01 -7.87
O4B COA C . -16.22 -21.36 -8.64
C5B COA C . -15.30 -21.58 -6.42
O5B COA C . -14.46 -20.41 -6.20
P1A COA C . -14.75 -19.39 -4.99
O1A COA C . -14.97 -20.17 -3.74
O2A COA C . -15.78 -18.40 -5.43
O3A COA C . -13.33 -18.66 -4.92
P2A COA C . -12.69 -17.19 -4.99
O4A COA C . -12.77 -16.57 -3.63
O5A COA C . -11.34 -17.33 -5.64
O6A COA C . -13.67 -16.35 -5.97
CBP COA C . -14.14 -14.14 -6.96
CCP COA C . -14.02 -14.95 -5.68
CDP COA C . -14.89 -12.83 -6.62
CEP COA C . -12.74 -13.76 -7.48
CAP COA C . -14.91 -14.92 -8.04
OAP COA C . -16.21 -15.15 -7.56
C9P COA C . -14.96 -14.34 -9.44
O9P COA C . -14.29 -14.85 -10.33
N8P COA C . -15.77 -13.30 -9.65
C7P COA C . -15.87 -12.59 -10.93
C6P COA C . -15.21 -11.22 -10.90
C5P COA C . -15.98 -10.25 -10.02
O5P COA C . -17.20 -10.15 -10.13
N4P COA C . -15.30 -9.54 -9.11
C3P COA C . -15.90 -8.54 -8.24
C2P COA C . -15.82 -8.91 -6.77
S1P COA C . -14.17 -8.65 -6.08
C ACE D . -16.11 -6.03 -4.96
O ACE D . -16.63 -6.41 -3.95
CH3 ACE D . -14.94 -5.03 -5.00
O1 OAA E . -12.75 -7.80 -1.08
O2 OAA E . -14.66 -6.83 -0.44
O4 OAA E . -15.79 -3.46 -1.75
O5 OAA E . -13.76 -3.84 -1.43
O3 OAA E . -16.04 -5.80 -2.85
C1 OAA E . -13.72 -7.04 -1.29
C2 OAA E . -13.76 -6.28 -2.62
C3 OAA E . -14.95 -5.35 -2.51
C4 OAA E . -14.83 -4.16 -1.90
#